data_8DE4
#
_entry.id   8DE4
#
_cell.length_a   1.00
_cell.length_b   1.00
_cell.length_c   1.00
_cell.angle_alpha   90.00
_cell.angle_beta   90.00
_cell.angle_gamma   90.00
#
_symmetry.space_group_name_H-M   'P 1'
#
loop_
_entity.id
_entity.type
_entity.pdbx_description
1 polymer Transporter
2 polymer '15B8 Fab heavy chain variable domain'
3 polymer '15B8 Fab light chain variable domain'
4 branched 2-acetamido-2-deoxy-beta-D-glucopyranose-(1-4)-2-acetamido-2-deoxy-beta-D-glucopyranose
5 non-polymer 'CHLORIDE ION'
6 non-polymer 'SODIUM ION'
7 non-polymer (2S)-N-methyl-1-phenylpropan-2-amine
8 non-polymer 'CHOLESTEROL HEMISUCCINATE'
9 non-polymer DODECYL-BETA-D-MALTOSIDE
#
loop_
_entity_poly.entity_id
_entity_poly.type
_entity_poly.pdbx_seq_one_letter_code
_entity_poly.pdbx_strand_id
1 'polypeptide(L)'
;RETWGKKVDFLLSVIGYAVDLGNVWRFPYICYQNGGGAFLLPYTIMAIFGGIPLFYMELALGQYHRNGCISIWRKICPIF
KGIGFAICVIAFYIASYYNTIMAWALYYLISSFTDQLPWTSCKNSWNTGNCTNYFSEDNVTWMLHSTSPAEEFYTRHVLQ
IHRSKGLQDLGGISWQLALCIMLIFTIIYFSIWKGVKTSGKVVWVTATFPYIILSILLVRGATLPGAWRGVLFYLKPNWQ
KLLETGVWVDAAAQIFFSLGPGFGVLLAFASYNKFNNNCYQDALVTSVVNCMTSFVSGFVIFTVLGYMAEMRNEDVSEVA
KDAGPSLLFITYAEAIANMPASTFFAIIFFLMLITLGLDSTFAGLEGVITAVLDEFPHFWSKRREWLALGVVITCFLGSL
ITLTFGGAYVVKLLEEFATGPAVLTVALIEAVAVFWFYGITQFCSDVKEMLGFSPGWFWRICWVAISPLFLVFIICSFLM
SPPQLWLFQYNYPQWSIILGYCIGTSSFICIPTYITYRLIITPGTLKERIVKGITPETP
;
A
2 'polypeptide(L)'
;QVQLQQSGPELVKLGASVRISCKASGYRFSYSWMNWVKQRPGKGLEWIGRIYPGDGDTKYSGKFKGKATLTADKSSSTVY
MQLSSLTSEDSAVYFCARSAYGSEGFAMDYWGQGTSVT
;
B
3 'polypeptide(L)'
;DIVLTQSPASLAVSLGQRATISCRASESVDNYGISFLNWFQQKPGQPPKLLIYAASNQGSGVPARFSGSGSGTYFSLNIH
PMEEDDTAVYFCQQTKGVSWTFGGGTKVEI
;
C
#
loop_
_chem_comp.id
_chem_comp.type
_chem_comp.name
_chem_comp.formula
B40 non-polymer (2S)-N-methyl-1-phenylpropan-2-amine 'C10 H15 N'
CL non-polymer 'CHLORIDE ION' 'Cl -1'
LMT D-saccharide DODECYL-BETA-D-MALTOSIDE 'C24 H46 O11'
NA non-polymer 'SODIUM ION' 'Na 1'
NAG D-saccharide, beta linking 2-acetamido-2-deoxy-beta-D-glucopyranose 'C8 H15 N O6'
Y01 non-polymer 'CHOLESTEROL HEMISUCCINATE' 'C31 H50 O4'
#
# COMPACT_ATOMS: atom_id res chain seq x y z
N ARG A 1 19.96 -13.10 -33.17
CA ARG A 1 19.95 -13.45 -31.75
C ARG A 1 21.02 -12.68 -30.98
N GLU A 2 20.58 -11.68 -30.22
CA GLU A 2 21.49 -10.86 -29.43
C GLU A 2 21.86 -11.57 -28.14
N THR A 3 23.04 -11.24 -27.61
CA THR A 3 23.56 -11.84 -26.40
C THR A 3 23.38 -10.89 -25.22
N TRP A 4 23.85 -11.34 -24.05
CA TRP A 4 23.76 -10.54 -22.83
C TRP A 4 24.79 -9.43 -22.77
N GLY A 5 25.82 -9.47 -23.62
CA GLY A 5 26.90 -8.52 -23.50
C GLY A 5 27.98 -9.02 -22.56
N LYS A 6 27.94 -8.56 -21.32
CA LYS A 6 28.82 -9.05 -20.27
C LYS A 6 28.09 -10.10 -19.45
N LYS A 7 28.85 -11.08 -18.95
CA LYS A 7 28.26 -12.18 -18.21
C LYS A 7 27.64 -11.71 -16.89
N VAL A 8 28.12 -10.60 -16.35
CA VAL A 8 27.58 -10.09 -15.09
C VAL A 8 26.13 -9.64 -15.25
N ASP A 9 25.75 -9.18 -16.45
CA ASP A 9 24.40 -8.69 -16.67
C ASP A 9 23.36 -9.78 -16.43
N PHE A 10 23.60 -10.98 -16.95
CA PHE A 10 22.64 -12.06 -16.78
C PHE A 10 22.47 -12.43 -15.31
N LEU A 11 23.59 -12.56 -14.59
CA LEU A 11 23.54 -12.89 -13.17
C LEU A 11 22.80 -11.81 -12.39
N LEU A 12 23.10 -10.55 -12.67
CA LEU A 12 22.46 -9.46 -11.94
C LEU A 12 20.96 -9.41 -12.24
N SER A 13 20.57 -9.65 -13.50
CA SER A 13 19.16 -9.65 -13.84
C SER A 13 18.42 -10.79 -13.15
N VAL A 14 19.02 -11.99 -13.13
CA VAL A 14 18.38 -13.11 -12.47
C VAL A 14 18.27 -12.86 -10.97
N ILE A 15 19.32 -12.28 -10.37
CA ILE A 15 19.28 -11.96 -8.94
C ILE A 15 18.18 -10.94 -8.65
N GLY A 16 18.10 -9.90 -9.48
CA GLY A 16 17.05 -8.91 -9.29
C GLY A 16 15.66 -9.48 -9.43
N TYR A 17 15.47 -10.40 -10.38
CA TYR A 17 14.19 -11.08 -10.49
C TYR A 17 13.92 -11.93 -9.25
N ALA A 18 14.97 -12.54 -8.69
CA ALA A 18 14.80 -13.40 -7.52
C ALA A 18 14.36 -12.60 -6.29
N VAL A 19 14.91 -11.40 -6.10
CA VAL A 19 14.58 -10.60 -4.92
C VAL A 19 13.25 -9.91 -5.13
N ASP A 20 12.18 -10.55 -4.68
CA ASP A 20 10.83 -10.04 -4.89
C ASP A 20 10.46 -9.04 -3.79
N LEU A 21 9.60 -8.08 -4.16
CA LEU A 21 9.07 -7.16 -3.15
C LEU A 21 8.12 -7.84 -2.19
N GLY A 22 7.53 -8.98 -2.58
CA GLY A 22 6.63 -9.68 -1.69
C GLY A 22 7.32 -10.26 -0.47
N ASN A 23 8.51 -10.84 -0.67
CA ASN A 23 9.21 -11.50 0.42
C ASN A 23 9.81 -10.53 1.43
N VAL A 24 9.88 -9.23 1.12
CA VAL A 24 10.39 -8.24 2.07
C VAL A 24 9.34 -7.85 3.10
N TRP A 25 8.11 -8.33 2.96
CA TRP A 25 7.10 -8.22 4.01
C TRP A 25 6.48 -9.55 4.39
N ARG A 26 6.69 -10.60 3.61
CA ARG A 26 6.09 -11.91 3.87
C ARG A 26 7.03 -12.80 4.67
N PHE A 27 8.24 -13.03 4.15
CA PHE A 27 9.10 -14.10 4.65
C PHE A 27 9.32 -14.07 6.15
N PRO A 28 9.71 -12.96 6.78
CA PRO A 28 9.89 -12.99 8.25
C PRO A 28 8.61 -13.29 9.01
N TYR A 29 7.50 -12.67 8.60
CA TYR A 29 6.23 -12.90 9.29
C TYR A 29 5.81 -14.36 9.18
N ILE A 30 5.91 -14.94 8.00
CA ILE A 30 5.45 -16.32 7.82
C ILE A 30 6.43 -17.30 8.47
N CYS A 31 7.72 -16.95 8.52
CA CYS A 31 8.67 -17.72 9.31
C CYS A 31 8.28 -17.73 10.78
N TYR A 32 7.85 -16.57 11.30
CA TYR A 32 7.34 -16.52 12.66
C TYR A 32 6.07 -17.35 12.80
N GLN A 33 5.26 -17.43 11.75
CA GLN A 33 4.01 -18.18 11.82
C GLN A 33 4.26 -19.66 12.07
N ASN A 34 5.26 -20.24 11.40
CA ASN A 34 5.57 -21.66 11.51
C ASN A 34 7.00 -21.84 11.99
N GLY A 35 7.16 -22.31 13.23
CA GLY A 35 8.46 -22.65 13.76
C GLY A 35 9.30 -21.46 14.18
N GLY A 36 9.74 -20.65 13.22
CA GLY A 36 10.64 -19.55 13.50
C GLY A 36 12.09 -19.95 13.30
N GLY A 37 12.80 -20.24 14.40
CA GLY A 37 14.16 -20.72 14.29
C GLY A 37 14.26 -22.13 13.75
N ALA A 38 13.22 -22.93 13.91
CA ALA A 38 13.17 -24.28 13.37
C ALA A 38 12.61 -24.34 11.95
N PHE A 39 12.18 -23.21 11.40
CA PHE A 39 11.65 -23.17 10.04
C PHE A 39 12.75 -23.27 9.00
N LEU A 40 14.00 -23.01 9.37
CA LEU A 40 15.11 -23.05 8.42
C LEU A 40 15.38 -24.44 7.87
N LEU A 41 15.29 -25.48 8.70
CA LEU A 41 15.58 -26.84 8.24
C LEU A 41 14.58 -27.28 7.16
N PRO A 42 13.26 -27.17 7.37
CA PRO A 42 12.35 -27.45 6.26
C PRO A 42 12.53 -26.51 5.09
N TYR A 43 12.87 -25.24 5.34
CA TYR A 43 13.07 -24.28 4.26
C TYR A 43 14.22 -24.73 3.35
N THR A 44 15.38 -25.01 3.94
CA THR A 44 16.52 -25.44 3.13
C THR A 44 16.30 -26.82 2.52
N ILE A 45 15.63 -27.73 3.24
CA ILE A 45 15.38 -29.06 2.71
C ILE A 45 14.49 -28.98 1.47
N MET A 46 13.42 -28.19 1.56
CA MET A 46 12.53 -28.02 0.41
C MET A 46 13.22 -27.25 -0.71
N ALA A 47 14.08 -26.29 -0.37
CA ALA A 47 14.89 -25.62 -1.38
C ALA A 47 15.67 -26.64 -2.19
N ILE A 48 16.54 -27.40 -1.51
CA ILE A 48 17.38 -28.39 -2.19
C ILE A 48 16.52 -29.38 -2.97
N PHE A 49 15.38 -29.80 -2.40
CA PHE A 49 14.58 -30.83 -3.03
C PHE A 49 13.91 -30.33 -4.30
N GLY A 50 13.29 -29.15 -4.27
CA GLY A 50 12.47 -28.75 -5.39
C GLY A 50 12.71 -27.40 -6.04
N GLY A 51 13.34 -26.46 -5.34
CA GLY A 51 13.46 -25.12 -5.88
C GLY A 51 14.69 -24.95 -6.76
N ILE A 52 15.85 -25.34 -6.24
CA ILE A 52 17.08 -25.29 -7.03
C ILE A 52 16.97 -26.12 -8.30
N PRO A 53 16.48 -27.37 -8.27
CA PRO A 53 16.35 -28.12 -9.52
C PRO A 53 15.45 -27.45 -10.55
N LEU A 54 14.36 -26.82 -10.12
CA LEU A 54 13.49 -26.12 -11.07
C LEU A 54 14.21 -24.91 -11.67
N PHE A 55 14.95 -24.17 -10.85
CA PHE A 55 15.74 -23.05 -11.36
C PHE A 55 16.75 -23.52 -12.40
N TYR A 56 17.44 -24.63 -12.10
CA TYR A 56 18.40 -25.19 -13.04
C TYR A 56 17.73 -25.64 -14.32
N MET A 57 16.58 -26.30 -14.22
CA MET A 57 15.90 -26.77 -15.43
C MET A 57 15.45 -25.60 -16.29
N GLU A 58 14.94 -24.53 -15.66
CA GLU A 58 14.50 -23.37 -16.43
C GLU A 58 15.69 -22.69 -17.11
N LEU A 59 16.80 -22.52 -16.38
CA LEU A 59 17.98 -21.90 -16.99
C LEU A 59 18.52 -22.74 -18.14
N ALA A 60 18.59 -24.06 -17.96
CA ALA A 60 19.11 -24.92 -19.02
C ALA A 60 18.20 -24.92 -20.24
N LEU A 61 16.89 -24.98 -20.04
CA LEU A 61 15.97 -24.95 -21.16
C LEU A 61 16.02 -23.62 -21.90
N GLY A 62 16.13 -22.51 -21.17
CA GLY A 62 16.26 -21.21 -21.81
C GLY A 62 17.54 -21.08 -22.60
N GLN A 63 18.65 -21.57 -22.05
CA GLN A 63 19.95 -21.40 -22.70
C GLN A 63 20.10 -22.32 -23.90
N TYR A 64 19.66 -23.57 -23.79
CA TYR A 64 19.90 -24.54 -24.86
C TYR A 64 19.17 -24.16 -26.14
N HIS A 65 17.91 -23.70 -26.02
CA HIS A 65 17.08 -23.47 -27.20
C HIS A 65 17.15 -22.05 -27.73
N ARG A 66 17.64 -21.09 -26.93
CA ARG A 66 17.73 -19.69 -27.35
C ARG A 66 16.39 -19.17 -27.85
N ASN A 67 15.33 -19.47 -27.10
CA ASN A 67 13.97 -19.08 -27.47
C ASN A 67 13.27 -18.51 -26.24
N GLY A 68 12.04 -18.05 -26.44
CA GLY A 68 11.30 -17.37 -25.38
C GLY A 68 10.52 -18.32 -24.50
N CYS A 69 9.20 -18.13 -24.42
CA CYS A 69 8.35 -18.98 -23.61
C CYS A 69 7.23 -19.64 -24.38
N ILE A 70 7.04 -19.31 -25.66
CA ILE A 70 6.03 -19.97 -26.48
C ILE A 70 6.64 -20.80 -27.60
N SER A 71 7.90 -20.57 -27.97
CA SER A 71 8.55 -21.35 -29.01
C SER A 71 9.44 -22.47 -28.46
N ILE A 72 9.85 -22.37 -27.19
CA ILE A 72 10.60 -23.48 -26.59
C ILE A 72 9.76 -24.74 -26.55
N TRP A 73 8.43 -24.59 -26.52
CA TRP A 73 7.57 -25.76 -26.61
C TRP A 73 7.56 -26.33 -28.02
N ARG A 74 7.52 -25.47 -29.04
CA ARG A 74 7.69 -25.94 -30.41
C ARG A 74 9.00 -26.69 -30.56
N LYS A 75 10.04 -26.26 -29.85
CA LYS A 75 11.32 -26.96 -29.88
C LYS A 75 11.36 -28.18 -28.97
N ILE A 76 10.40 -28.32 -28.04
CA ILE A 76 10.43 -29.41 -27.07
C ILE A 76 9.19 -30.27 -27.18
N CYS A 77 8.01 -29.69 -26.94
CA CYS A 77 6.75 -30.44 -26.93
C CYS A 77 5.66 -29.51 -27.45
N PRO A 78 5.37 -29.56 -28.75
CA PRO A 78 4.42 -28.60 -29.33
C PRO A 78 3.02 -28.67 -28.75
N ILE A 79 2.64 -29.81 -28.18
CA ILE A 79 1.29 -29.98 -27.65
C ILE A 79 1.05 -29.18 -26.38
N PHE A 80 2.10 -28.65 -25.75
CA PHE A 80 1.99 -27.91 -24.50
C PHE A 80 2.46 -26.47 -24.67
N LYS A 81 2.11 -25.84 -25.79
CA LYS A 81 2.51 -24.46 -26.01
C LYS A 81 1.61 -23.46 -25.30
N GLY A 82 0.44 -23.89 -24.81
CA GLY A 82 -0.44 -23.01 -24.06
C GLY A 82 0.14 -22.52 -22.75
N ILE A 83 1.23 -23.13 -22.29
CA ILE A 83 1.93 -22.62 -21.12
C ILE A 83 2.41 -21.20 -21.37
N GLY A 84 2.77 -20.88 -22.62
CA GLY A 84 3.15 -19.51 -22.94
C GLY A 84 2.01 -18.51 -22.73
N PHE A 85 0.81 -18.85 -23.20
CA PHE A 85 -0.33 -17.97 -22.98
C PHE A 85 -0.70 -17.89 -21.51
N ALA A 86 -0.58 -19.01 -20.78
CA ALA A 86 -0.79 -18.97 -19.34
C ALA A 86 0.20 -18.04 -18.66
N ILE A 87 1.46 -18.09 -19.07
CA ILE A 87 2.48 -17.21 -18.54
C ILE A 87 2.15 -15.76 -18.87
N CYS A 88 1.66 -15.50 -20.08
CA CYS A 88 1.28 -14.14 -20.46
C CYS A 88 0.17 -13.60 -19.57
N VAL A 89 -0.86 -14.42 -19.32
CA VAL A 89 -1.97 -13.97 -18.48
C VAL A 89 -1.50 -13.76 -17.04
N ILE A 90 -0.67 -14.68 -16.54
CA ILE A 90 -0.12 -14.53 -15.19
C ILE A 90 0.70 -13.25 -15.10
N ALA A 91 1.51 -12.98 -16.12
CA ALA A 91 2.32 -11.76 -16.12
C ALA A 91 1.45 -10.53 -16.16
N PHE A 92 0.33 -10.58 -16.88
CA PHE A 92 -0.60 -9.45 -16.93
C PHE A 92 -1.16 -9.16 -15.54
N TYR A 93 -1.69 -10.19 -14.87
CA TYR A 93 -2.24 -9.99 -13.53
C TYR A 93 -1.18 -9.54 -12.54
N ILE A 94 0.01 -10.16 -12.62
CA ILE A 94 1.10 -9.83 -11.72
C ILE A 94 1.54 -8.39 -11.94
N ALA A 95 1.64 -7.96 -13.20
CA ALA A 95 2.02 -6.59 -13.49
C ALA A 95 0.99 -5.63 -12.92
N SER A 96 -0.30 -5.92 -13.10
CA SER A 96 -1.34 -5.05 -12.57
C SER A 96 -1.20 -4.86 -11.06
N TYR A 97 -1.31 -5.95 -10.30
CA TYR A 97 -1.32 -5.83 -8.84
C TYR A 97 0.04 -5.36 -8.32
N TYR A 98 1.13 -5.86 -8.90
CA TYR A 98 2.45 -5.51 -8.45
C TYR A 98 2.76 -4.04 -8.72
N ASN A 99 2.29 -3.51 -9.86
CA ASN A 99 2.53 -2.12 -10.20
C ASN A 99 1.64 -1.18 -9.40
N THR A 100 0.43 -1.59 -9.00
CA THR A 100 -0.31 -0.71 -8.09
C THR A 100 0.31 -0.74 -6.69
N ILE A 101 0.91 -1.86 -6.28
CA ILE A 101 1.71 -1.86 -5.05
C ILE A 101 2.90 -0.91 -5.19
N MET A 102 3.54 -0.93 -6.37
CA MET A 102 4.60 0.06 -6.65
C MET A 102 4.08 1.48 -6.58
N ALA A 103 2.86 1.73 -7.06
CA ALA A 103 2.29 3.07 -6.99
C ALA A 103 2.11 3.50 -5.55
N TRP A 104 1.64 2.59 -4.69
CA TRP A 104 1.55 2.89 -3.26
C TRP A 104 2.92 3.23 -2.69
N ALA A 105 3.93 2.42 -3.05
CA ALA A 105 5.28 2.65 -2.52
C ALA A 105 5.84 3.99 -2.99
N LEU A 106 5.60 4.34 -4.26
CA LEU A 106 6.09 5.61 -4.79
C LEU A 106 5.39 6.79 -4.14
N TYR A 107 4.07 6.67 -3.89
CA TYR A 107 3.37 7.72 -3.16
C TYR A 107 3.94 7.88 -1.76
N TYR A 108 4.25 6.76 -1.10
CA TYR A 108 4.87 6.84 0.22
C TYR A 108 6.23 7.52 0.16
N LEU A 109 7.05 7.18 -0.85
CA LEU A 109 8.36 7.80 -0.99
C LEU A 109 8.24 9.30 -1.23
N ILE A 110 7.29 9.70 -2.08
CA ILE A 110 7.07 11.11 -2.34
C ILE A 110 6.66 11.84 -1.06
N SER A 111 5.75 11.24 -0.28
CA SER A 111 5.36 11.84 0.99
C SER A 111 6.49 11.77 2.02
N SER A 112 7.54 11.01 1.74
CA SER A 112 8.67 10.89 2.66
C SER A 112 9.72 12.00 2.48
N PHE A 113 9.50 12.95 1.58
CA PHE A 113 10.44 14.03 1.33
C PHE A 113 10.21 15.25 2.21
N THR A 114 9.64 15.07 3.40
CA THR A 114 9.40 16.15 4.34
C THR A 114 10.22 15.93 5.60
N ASP A 115 10.58 17.05 6.24
CA ASP A 115 11.33 16.96 7.50
C ASP A 115 10.50 16.27 8.57
N GLN A 116 9.22 16.58 8.65
CA GLN A 116 8.30 15.90 9.56
C GLN A 116 7.43 14.95 8.74
N LEU A 117 7.61 13.66 8.97
CA LEU A 117 6.85 12.67 8.22
C LEU A 117 5.36 12.78 8.54
N PRO A 118 4.49 12.71 7.52
CA PRO A 118 3.05 12.93 7.77
C PRO A 118 2.38 11.83 8.56
N TRP A 119 2.98 10.66 8.70
CA TRP A 119 2.35 9.54 9.39
C TRP A 119 2.70 9.48 10.87
N THR A 120 3.57 10.38 11.35
CA THR A 120 3.93 10.38 12.76
C THR A 120 2.81 10.90 13.63
N SER A 121 2.09 11.91 13.16
CA SER A 121 1.07 12.58 13.94
C SER A 121 -0.32 12.02 13.64
N CYS A 122 -1.27 12.36 14.51
CA CYS A 122 -2.67 11.98 14.36
C CYS A 122 -3.59 13.20 14.27
N LYS A 123 -3.04 14.36 13.93
CA LYS A 123 -3.79 15.61 13.86
C LYS A 123 -4.28 15.91 12.46
N ASN A 124 -4.06 15.02 11.50
CA ASN A 124 -4.37 15.28 10.10
C ASN A 124 -5.86 15.08 9.83
N SER A 125 -6.25 15.43 8.60
CA SER A 125 -7.65 15.31 8.21
C SER A 125 -8.10 13.86 8.09
N TRP A 126 -7.20 12.97 7.68
CA TRP A 126 -7.55 11.56 7.52
C TRP A 126 -7.49 10.78 8.82
N ASN A 127 -7.03 11.38 9.91
CA ASN A 127 -7.02 10.74 11.22
C ASN A 127 -8.32 11.06 11.93
N THR A 128 -9.33 10.20 11.73
CA THR A 128 -10.64 10.42 12.31
C THR A 128 -11.05 9.38 13.35
N GLY A 129 -10.33 8.27 13.45
CA GLY A 129 -10.69 7.24 14.39
C GLY A 129 -10.01 7.40 15.73
N ASN A 130 -9.18 6.44 16.10
CA ASN A 130 -8.46 6.46 17.36
C ASN A 130 -6.97 6.68 17.10
N CYS A 131 -6.27 7.10 18.14
CA CYS A 131 -4.83 7.33 18.07
C CYS A 131 -4.15 6.77 19.33
N THR A 132 -4.60 5.58 19.75
CA THR A 132 -4.11 4.96 20.98
C THR A 132 -2.94 4.01 20.76
N ASN A 133 -2.61 3.68 19.52
CA ASN A 133 -1.50 2.77 19.23
C ASN A 133 -0.20 3.55 19.02
N TYR A 134 0.15 4.38 19.98
CA TYR A 134 1.34 5.21 19.88
C TYR A 134 2.56 4.43 20.39
N PHE A 135 3.69 5.13 20.47
CA PHE A 135 4.94 4.53 20.92
C PHE A 135 5.63 5.48 21.91
N SER A 136 6.55 4.90 22.69
CA SER A 136 7.31 5.63 23.69
C SER A 136 6.39 6.27 24.73
N GLU A 137 5.63 5.41 25.40
CA GLU A 137 4.70 5.83 26.45
C GLU A 137 4.86 4.91 27.65
N ASP A 138 4.42 5.41 28.81
CA ASP A 138 4.44 4.64 30.05
C ASP A 138 3.06 4.44 30.66
N ASN A 139 2.05 5.15 30.19
CA ASN A 139 0.69 4.99 30.71
C ASN A 139 0.03 3.76 30.10
N VAL A 140 -1.13 3.40 30.62
CA VAL A 140 -1.90 2.26 30.14
C VAL A 140 -3.12 2.81 29.40
N THR A 141 -3.05 2.82 28.07
CA THR A 141 -4.14 3.26 27.21
C THR A 141 -4.27 2.24 26.08
N TRP A 142 -5.26 1.37 26.17
CA TRP A 142 -5.43 0.32 25.17
C TRP A 142 -6.89 -0.11 25.16
N MET A 143 -7.58 0.13 24.05
CA MET A 143 -8.92 -0.38 23.81
C MET A 143 -8.93 -1.25 22.56
N LEU A 144 -9.88 -2.17 22.51
CA LEU A 144 -9.92 -3.17 21.44
C LEU A 144 -10.23 -2.56 20.08
N HIS A 145 -10.79 -1.36 20.03
CA HIS A 145 -11.16 -0.72 18.77
C HIS A 145 -10.19 0.38 18.35
N SER A 146 -9.00 0.43 18.97
CA SER A 146 -8.05 1.47 18.64
C SER A 146 -7.43 1.22 17.26
N THR A 147 -6.86 2.30 16.69
CA THR A 147 -6.24 2.23 15.37
C THR A 147 -4.98 3.08 15.39
N SER A 148 -3.90 2.55 14.83
CA SER A 148 -2.63 3.26 14.79
C SER A 148 -2.71 4.44 13.82
N PRO A 149 -2.01 5.54 14.13
CA PRO A 149 -1.98 6.67 13.19
C PRO A 149 -1.41 6.31 11.83
N ALA A 150 -0.41 5.43 11.80
CA ALA A 150 0.11 4.96 10.51
C ALA A 150 -0.93 4.16 9.76
N GLU A 151 -1.77 3.39 10.46
CA GLU A 151 -2.87 2.69 9.81
C GLU A 151 -3.86 3.69 9.20
N GLU A 152 -4.15 4.77 9.92
CA GLU A 152 -5.01 5.81 9.36
C GLU A 152 -4.40 6.45 8.12
N PHE A 153 -3.09 6.72 8.17
CA PHE A 153 -2.43 7.31 7.01
C PHE A 153 -2.48 6.36 5.81
N TYR A 154 -2.27 5.07 6.05
CA TYR A 154 -2.25 4.10 4.96
C TYR A 154 -3.65 3.92 4.37
N THR A 155 -4.65 3.71 5.22
CA THR A 155 -5.98 3.32 4.75
C THR A 155 -6.91 4.50 4.49
N ARG A 156 -6.51 5.73 4.81
CA ARG A 156 -7.39 6.88 4.64
C ARG A 156 -6.73 8.06 3.94
N HIS A 157 -5.43 8.01 3.65
CA HIS A 157 -4.77 9.09 2.92
C HIS A 157 -4.12 8.61 1.63
N VAL A 158 -3.48 7.45 1.64
CA VAL A 158 -2.85 6.91 0.44
C VAL A 158 -3.85 6.02 -0.28
N LEU A 159 -4.34 4.99 0.42
CA LEU A 159 -5.33 4.09 -0.18
C LEU A 159 -6.70 4.76 -0.24
N GLN A 160 -7.05 5.55 0.76
CA GLN A 160 -8.38 6.17 0.86
C GLN A 160 -9.48 5.11 0.81
N ILE A 161 -9.24 3.99 1.50
CA ILE A 161 -10.18 2.88 1.49
C ILE A 161 -11.44 3.16 2.28
N HIS A 162 -11.47 4.23 3.08
CA HIS A 162 -12.65 4.57 3.85
C HIS A 162 -13.80 5.07 2.98
N ARG A 163 -13.54 5.37 1.71
CA ARG A 163 -14.57 5.84 0.79
C ARG A 163 -15.22 4.70 0.01
N SER A 164 -14.87 3.45 0.32
CA SER A 164 -15.43 2.30 -0.36
C SER A 164 -15.98 1.32 0.67
N LYS A 165 -17.00 0.58 0.27
CA LYS A 165 -17.64 -0.40 1.13
C LYS A 165 -17.16 -1.82 0.88
N GLY A 166 -16.14 -1.99 0.03
CA GLY A 166 -15.63 -3.31 -0.28
C GLY A 166 -15.47 -3.54 -1.76
N LEU A 167 -15.35 -4.81 -2.17
CA LEU A 167 -15.23 -5.13 -3.58
C LEU A 167 -16.50 -4.86 -4.37
N GLN A 168 -17.65 -4.84 -3.70
CA GLN A 168 -18.91 -4.54 -4.37
C GLN A 168 -19.11 -3.04 -4.60
N ASP A 169 -18.34 -2.19 -3.93
CA ASP A 169 -18.45 -0.73 -4.07
C ASP A 169 -17.05 -0.19 -4.36
N LEU A 170 -16.70 -0.18 -5.65
CA LEU A 170 -15.42 0.38 -6.11
C LEU A 170 -15.72 1.73 -6.75
N GLY A 171 -15.75 2.77 -5.91
CA GLY A 171 -16.07 4.12 -6.37
C GLY A 171 -14.87 5.03 -6.23
N GLY A 172 -14.72 5.94 -7.19
CA GLY A 172 -13.66 6.91 -7.17
C GLY A 172 -12.35 6.37 -7.72
N ILE A 173 -11.40 7.28 -7.88
CA ILE A 173 -10.07 6.94 -8.38
C ILE A 173 -9.08 7.96 -7.85
N SER A 174 -7.90 7.48 -7.46
CA SER A 174 -6.85 8.32 -6.92
C SER A 174 -5.96 8.83 -8.04
N TRP A 175 -5.95 10.14 -8.25
CA TRP A 175 -5.13 10.72 -9.31
C TRP A 175 -3.66 10.76 -8.95
N GLN A 176 -3.33 10.91 -7.65
CA GLN A 176 -1.94 10.89 -7.24
C GLN A 176 -1.32 9.52 -7.47
N LEU A 177 -2.03 8.46 -7.07
CA LEU A 177 -1.56 7.11 -7.36
C LEU A 177 -1.54 6.85 -8.86
N ALA A 178 -2.46 7.45 -9.61
CA ALA A 178 -2.44 7.31 -11.06
C ALA A 178 -1.17 7.91 -11.65
N LEU A 179 -0.78 9.10 -11.19
CA LEU A 179 0.45 9.72 -11.68
C LEU A 179 1.67 8.91 -11.25
N CYS A 180 1.67 8.37 -10.03
CA CYS A 180 2.78 7.55 -9.58
C CYS A 180 2.93 6.31 -10.45
N ILE A 181 1.83 5.63 -10.73
CA ILE A 181 1.90 4.43 -11.57
C ILE A 181 2.23 4.80 -13.01
N MET A 182 1.83 5.99 -13.46
CA MET A 182 2.22 6.44 -14.80
C MET A 182 3.73 6.61 -14.89
N LEU A 183 4.33 7.25 -13.88
CA LEU A 183 5.78 7.40 -13.87
C LEU A 183 6.47 6.05 -13.79
N ILE A 184 5.94 5.15 -12.97
CA ILE A 184 6.54 3.82 -12.82
C ILE A 184 6.49 3.05 -14.14
N PHE A 185 5.34 3.09 -14.82
CA PHE A 185 5.22 2.41 -16.10
C PHE A 185 6.10 3.06 -17.17
N THR A 186 6.26 4.38 -17.14
CA THR A 186 7.17 5.04 -18.06
C THR A 186 8.60 4.57 -17.83
N ILE A 187 9.02 4.47 -16.57
CA ILE A 187 10.35 3.97 -16.25
C ILE A 187 10.52 2.54 -16.74
N ILE A 188 9.51 1.70 -16.50
CA ILE A 188 9.57 0.30 -16.93
C ILE A 188 9.69 0.22 -18.44
N TYR A 189 8.89 1.00 -19.18
CA TYR A 189 8.95 0.98 -20.63
C TYR A 189 10.31 1.44 -21.14
N PHE A 190 10.83 2.53 -20.57
CA PHE A 190 12.13 3.03 -20.99
C PHE A 190 13.27 2.07 -20.66
N SER A 191 13.09 1.21 -19.65
CA SER A 191 14.13 0.23 -19.34
C SER A 191 14.11 -0.95 -20.30
N ILE A 192 12.92 -1.35 -20.75
CA ILE A 192 12.78 -2.48 -21.67
C ILE A 192 12.50 -1.93 -23.06
N TRP A 193 12.92 -0.69 -23.30
CA TRP A 193 12.63 0.03 -24.54
C TRP A 193 13.23 -0.68 -25.75
N LYS A 194 14.55 -0.80 -25.80
CA LYS A 194 15.20 -1.38 -26.98
C LYS A 194 15.30 -2.90 -26.87
N GLY A 195 15.95 -3.39 -25.81
CA GLY A 195 16.15 -4.81 -25.66
C GLY A 195 16.71 -5.20 -24.30
N VAL A 196 17.67 -6.12 -24.29
CA VAL A 196 18.25 -6.60 -23.03
C VAL A 196 19.56 -5.89 -22.68
N LYS A 197 20.18 -5.20 -23.63
CA LYS A 197 21.40 -4.45 -23.30
C LYS A 197 21.10 -3.33 -22.31
N THR A 198 20.12 -2.49 -22.62
CA THR A 198 19.71 -1.44 -21.69
C THR A 198 19.12 -2.02 -20.40
N SER A 199 18.41 -3.14 -20.51
CA SER A 199 17.86 -3.78 -19.32
C SER A 199 18.95 -4.20 -18.36
N GLY A 200 20.01 -4.84 -18.87
CA GLY A 200 21.13 -5.19 -18.03
C GLY A 200 21.87 -3.97 -17.51
N LYS A 201 22.02 -2.95 -18.34
CA LYS A 201 22.74 -1.75 -17.93
C LYS A 201 22.02 -1.02 -16.80
N VAL A 202 20.69 -1.06 -16.78
CA VAL A 202 19.95 -0.45 -15.69
C VAL A 202 19.81 -1.39 -14.49
N VAL A 203 19.76 -2.70 -14.73
CA VAL A 203 19.78 -3.68 -13.64
C VAL A 203 21.09 -3.58 -12.87
N TRP A 204 22.17 -3.16 -13.54
CA TRP A 204 23.42 -2.90 -12.85
C TRP A 204 23.24 -1.92 -11.70
N VAL A 205 22.26 -1.01 -11.82
CA VAL A 205 22.01 0.00 -10.80
C VAL A 205 20.87 -0.38 -9.87
N THR A 206 19.73 -0.81 -10.43
CA THR A 206 18.54 -1.02 -9.60
C THR A 206 18.57 -2.35 -8.84
N ALA A 207 19.55 -3.21 -9.09
CA ALA A 207 19.67 -4.47 -8.36
C ALA A 207 20.76 -4.46 -7.29
N THR A 208 21.69 -3.51 -7.34
CA THR A 208 22.73 -3.40 -6.33
C THR A 208 22.41 -2.38 -5.24
N PHE A 209 21.67 -1.33 -5.58
CA PHE A 209 21.19 -0.39 -4.56
C PHE A 209 20.39 -1.07 -3.45
N PRO A 210 19.46 -2.00 -3.73
CA PRO A 210 18.75 -2.66 -2.62
C PRO A 210 19.67 -3.35 -1.63
N TYR A 211 20.77 -3.95 -2.09
CA TYR A 211 21.67 -4.63 -1.16
C TYR A 211 22.39 -3.64 -0.24
N ILE A 212 22.84 -2.52 -0.79
CA ILE A 212 23.45 -1.48 0.03
C ILE A 212 22.44 -0.95 1.04
N ILE A 213 21.19 -0.74 0.59
CA ILE A 213 20.17 -0.24 1.50
C ILE A 213 19.90 -1.24 2.61
N LEU A 214 19.81 -2.54 2.26
CA LEU A 214 19.56 -3.56 3.27
C LEU A 214 20.70 -3.63 4.28
N SER A 215 21.94 -3.53 3.80
CA SER A 215 23.08 -3.51 4.72
C SER A 215 23.01 -2.32 5.66
N ILE A 216 22.70 -1.13 5.12
CA ILE A 216 22.60 0.06 5.95
C ILE A 216 21.51 -0.11 6.99
N LEU A 217 20.34 -0.61 6.57
CA LEU A 217 19.23 -0.79 7.50
C LEU A 217 19.58 -1.80 8.59
N LEU A 218 20.23 -2.90 8.21
CA LEU A 218 20.58 -3.91 9.21
C LEU A 218 21.59 -3.37 10.22
N VAL A 219 22.67 -2.74 9.74
CA VAL A 219 23.69 -2.26 10.67
C VAL A 219 23.30 -0.98 11.39
N ARG A 220 22.22 -0.32 11.01
CA ARG A 220 21.70 0.79 11.79
C ARG A 220 20.54 0.39 12.71
N GLY A 221 19.85 -0.71 12.43
CA GLY A 221 18.83 -1.19 13.33
C GLY A 221 19.41 -2.10 14.39
N ALA A 222 20.59 -2.67 14.11
CA ALA A 222 21.28 -3.46 15.13
C ALA A 222 21.63 -2.63 16.35
N THR A 223 21.87 -1.33 16.16
CA THR A 223 22.11 -0.41 17.27
C THR A 223 20.81 0.23 17.75
N LEU A 224 19.82 -0.60 18.06
CA LEU A 224 18.53 -0.15 18.57
C LEU A 224 18.14 -1.05 19.74
N PRO A 225 17.74 -0.47 20.87
CA PRO A 225 17.36 -1.31 22.02
C PRO A 225 16.15 -2.17 21.71
N GLY A 226 16.14 -3.38 22.29
CA GLY A 226 15.03 -4.29 22.16
C GLY A 226 15.10 -5.23 20.97
N ALA A 227 16.10 -5.07 20.09
CA ALA A 227 16.24 -5.96 18.94
C ALA A 227 16.59 -7.39 19.35
N TRP A 228 17.13 -7.57 20.56
CA TRP A 228 17.54 -8.90 21.00
C TRP A 228 16.35 -9.84 21.09
N ARG A 229 15.23 -9.36 21.65
CA ARG A 229 14.05 -10.21 21.76
C ARG A 229 13.45 -10.51 20.39
N GLY A 230 13.49 -9.55 19.47
CA GLY A 230 12.99 -9.79 18.13
C GLY A 230 13.79 -10.84 17.39
N VAL A 231 15.13 -10.72 17.44
CA VAL A 231 15.95 -11.72 16.76
C VAL A 231 15.88 -13.07 17.46
N LEU A 232 15.68 -13.07 18.78
CA LEU A 232 15.52 -14.33 19.49
C LEU A 232 14.23 -15.04 19.06
N PHE A 233 13.11 -14.31 19.03
CA PHE A 233 11.85 -14.91 18.62
C PHE A 233 11.88 -15.30 17.15
N TYR A 234 12.64 -14.58 16.32
CA TYR A 234 12.85 -15.03 14.95
C TYR A 234 13.63 -16.35 14.92
N LEU A 235 14.64 -16.49 15.78
CA LEU A 235 15.48 -17.67 15.82
C LEU A 235 15.17 -18.56 17.01
N LYS A 236 13.91 -18.57 17.46
CA LYS A 236 13.49 -19.48 18.53
C LYS A 236 12.90 -20.73 17.89
N PRO A 237 13.58 -21.87 17.93
CA PRO A 237 13.05 -23.06 17.26
C PRO A 237 11.87 -23.67 18.00
N ASN A 238 10.86 -24.09 17.23
CA ASN A 238 9.71 -24.81 17.76
C ASN A 238 9.61 -26.12 16.97
N TRP A 239 10.33 -27.14 17.44
CA TRP A 239 10.37 -28.42 16.73
C TRP A 239 9.04 -29.17 16.81
N GLN A 240 8.19 -28.84 17.78
CA GLN A 240 6.90 -29.51 17.90
C GLN A 240 6.01 -29.23 16.70
N LYS A 241 6.02 -27.98 16.21
CA LYS A 241 5.19 -27.62 15.07
C LYS A 241 5.65 -28.27 13.78
N LEU A 242 6.90 -28.73 13.71
CA LEU A 242 7.44 -29.32 12.49
C LEU A 242 6.85 -30.69 12.17
N LEU A 243 6.10 -31.28 13.10
CA LEU A 243 5.52 -32.60 12.87
C LEU A 243 4.41 -32.57 11.82
N GLU A 244 3.58 -31.53 11.82
CA GLU A 244 2.46 -31.46 10.90
C GLU A 244 2.95 -31.10 9.49
N THR A 245 2.16 -31.50 8.50
CA THR A 245 2.50 -31.25 7.10
C THR A 245 2.32 -29.79 6.69
N GLY A 246 1.63 -28.99 7.50
CA GLY A 246 1.42 -27.59 7.14
C GLY A 246 2.71 -26.82 7.03
N VAL A 247 3.64 -27.04 7.95
CA VAL A 247 4.92 -26.34 7.91
C VAL A 247 5.72 -26.74 6.67
N TRP A 248 5.70 -28.03 6.33
CA TRP A 248 6.41 -28.48 5.13
C TRP A 248 5.80 -27.86 3.87
N VAL A 249 4.47 -27.83 3.78
CA VAL A 249 3.80 -27.20 2.65
C VAL A 249 4.19 -25.73 2.57
N ASP A 250 4.16 -25.05 3.72
CA ASP A 250 4.50 -23.63 3.76
C ASP A 250 5.92 -23.37 3.29
N ALA A 251 6.88 -24.15 3.81
CA ALA A 251 8.27 -23.96 3.43
C ALA A 251 8.47 -24.21 1.94
N ALA A 252 7.88 -25.29 1.42
CA ALA A 252 8.04 -25.60 0.00
C ALA A 252 7.44 -24.50 -0.87
N ALA A 253 6.24 -24.03 -0.52
CA ALA A 253 5.62 -22.96 -1.31
C ALA A 253 6.43 -21.67 -1.21
N GLN A 254 6.94 -21.35 -0.02
CA GLN A 254 7.71 -20.13 0.16
C GLN A 254 8.98 -20.15 -0.67
N ILE A 255 9.71 -21.27 -0.66
CA ILE A 255 10.93 -21.33 -1.45
C ILE A 255 10.61 -21.33 -2.94
N PHE A 256 9.52 -22.00 -3.34
CA PHE A 256 9.12 -22.01 -4.74
C PHE A 256 8.83 -20.60 -5.24
N PHE A 257 8.05 -19.83 -4.48
CA PHE A 257 7.69 -18.49 -4.92
C PHE A 257 8.76 -17.45 -4.60
N SER A 258 9.79 -17.81 -3.83
CA SER A 258 10.95 -16.93 -3.69
C SER A 258 11.91 -17.10 -4.86
N LEU A 259 12.20 -18.34 -5.25
CA LEU A 259 13.00 -18.55 -6.45
C LEU A 259 12.21 -18.19 -7.70
N GLY A 260 10.94 -18.58 -7.75
CA GLY A 260 10.04 -18.15 -8.79
C GLY A 260 10.27 -18.75 -10.16
N PRO A 261 10.05 -20.06 -10.30
CA PRO A 261 10.00 -20.67 -11.62
C PRO A 261 8.57 -20.71 -12.17
N GLY A 262 8.46 -21.01 -13.45
CA GLY A 262 7.18 -21.10 -14.11
C GLY A 262 6.59 -19.77 -14.56
N PHE A 263 7.28 -18.66 -14.32
CA PHE A 263 6.83 -17.35 -14.77
C PHE A 263 7.31 -17.01 -16.17
N GLY A 264 8.06 -17.91 -16.81
CA GLY A 264 8.63 -17.60 -18.11
C GLY A 264 9.72 -16.56 -18.10
N VAL A 265 10.24 -16.21 -16.92
CA VAL A 265 11.25 -15.16 -16.84
C VAL A 265 12.67 -15.72 -17.03
N LEU A 266 12.99 -16.85 -16.39
CA LEU A 266 14.32 -17.41 -16.52
C LEU A 266 14.62 -17.87 -17.94
N LEU A 267 13.61 -18.36 -18.66
CA LEU A 267 13.81 -18.78 -20.04
C LEU A 267 14.24 -17.62 -20.92
N ALA A 268 13.60 -16.46 -20.75
CA ALA A 268 13.97 -15.29 -21.55
C ALA A 268 15.37 -14.81 -21.23
N PHE A 269 15.74 -14.80 -19.94
CA PHE A 269 17.08 -14.38 -19.56
C PHE A 269 18.13 -15.34 -20.09
N ALA A 270 17.87 -16.65 -20.01
CA ALA A 270 18.83 -17.63 -20.49
C ALA A 270 18.88 -17.72 -22.01
N SER A 271 17.84 -17.26 -22.71
CA SER A 271 17.86 -17.28 -24.17
C SER A 271 18.98 -16.39 -24.71
N TYR A 272 19.25 -15.27 -24.05
CA TYR A 272 20.30 -14.34 -24.45
C TYR A 272 21.69 -14.80 -24.00
N ASN A 273 21.81 -16.01 -23.46
CA ASN A 273 23.09 -16.53 -22.98
C ASN A 273 23.76 -17.35 -24.07
N LYS A 274 25.09 -17.37 -24.06
CA LYS A 274 25.84 -18.13 -25.04
C LYS A 274 25.72 -19.63 -24.75
N PHE A 275 26.00 -20.43 -25.78
CA PHE A 275 25.91 -21.89 -25.64
C PHE A 275 26.94 -22.42 -24.65
N ASN A 276 28.14 -21.84 -24.66
CA ASN A 276 29.23 -22.30 -23.80
C ASN A 276 29.14 -21.77 -22.38
N ASN A 277 28.09 -21.02 -22.05
CA ASN A 277 27.91 -20.50 -20.70
C ASN A 277 27.63 -21.65 -19.73
N ASN A 278 28.10 -21.46 -18.48
CA ASN A 278 27.96 -22.46 -17.43
C ASN A 278 26.74 -22.13 -16.60
N CYS A 279 25.69 -22.95 -16.72
CA CYS A 279 24.46 -22.72 -15.97
C CYS A 279 24.59 -23.14 -14.52
N TYR A 280 25.47 -24.09 -14.21
CA TYR A 280 25.58 -24.62 -12.86
C TYR A 280 26.01 -23.54 -11.87
N GLN A 281 27.11 -22.85 -12.18
CA GLN A 281 27.60 -21.80 -11.29
C GLN A 281 26.59 -20.68 -11.13
N ASP A 282 25.98 -20.25 -12.24
CA ASP A 282 25.01 -19.16 -12.17
C ASP A 282 23.81 -19.54 -11.32
N ALA A 283 23.27 -20.76 -11.53
CA ALA A 283 22.11 -21.19 -10.78
C ALA A 283 22.41 -21.30 -9.30
N LEU A 284 23.55 -21.93 -8.95
CA LEU A 284 23.89 -22.07 -7.54
C LEU A 284 24.13 -20.72 -6.88
N VAL A 285 24.84 -19.82 -7.57
CA VAL A 285 25.12 -18.51 -7.01
C VAL A 285 23.82 -17.73 -6.80
N THR A 286 22.92 -17.77 -7.79
CA THR A 286 21.67 -17.03 -7.66
C THR A 286 20.81 -17.58 -6.54
N SER A 287 20.74 -18.92 -6.41
CA SER A 287 19.94 -19.49 -5.34
C SER A 287 20.51 -19.15 -3.97
N VAL A 288 21.84 -19.24 -3.82
CA VAL A 288 22.47 -18.90 -2.54
C VAL A 288 22.25 -17.44 -2.22
N VAL A 289 22.37 -16.57 -3.22
CA VAL A 289 22.17 -15.14 -3.02
C VAL A 289 20.74 -14.85 -2.60
N ASN A 290 19.76 -15.51 -3.24
CA ASN A 290 18.36 -15.30 -2.87
C ASN A 290 18.09 -15.74 -1.44
N CYS A 291 18.62 -16.91 -1.06
CA CYS A 291 18.41 -17.40 0.31
C CYS A 291 19.05 -16.46 1.33
N MET A 292 20.29 -16.03 1.07
CA MET A 292 20.96 -15.13 2.00
C MET A 292 20.25 -13.78 2.09
N THR A 293 19.74 -13.28 0.96
CA THR A 293 19.01 -12.02 0.96
C THR A 293 17.73 -12.14 1.77
N SER A 294 17.01 -13.25 1.61
CA SER A 294 15.80 -13.47 2.41
C SER A 294 16.15 -13.53 3.89
N PHE A 295 17.25 -14.21 4.25
CA PHE A 295 17.65 -14.29 5.65
C PHE A 295 17.99 -12.91 6.21
N VAL A 296 18.73 -12.10 5.45
CA VAL A 296 19.10 -10.77 5.91
C VAL A 296 17.88 -9.88 6.06
N SER A 297 16.94 -9.95 5.11
CA SER A 297 15.72 -9.16 5.19
C SER A 297 14.91 -9.55 6.42
N GLY A 298 14.76 -10.85 6.65
CA GLY A 298 14.07 -11.29 7.85
C GLY A 298 14.76 -10.82 9.12
N PHE A 299 16.09 -10.88 9.12
CA PHE A 299 16.86 -10.44 10.29
C PHE A 299 16.59 -8.96 10.59
N VAL A 300 16.69 -8.09 9.58
CA VAL A 300 16.53 -6.66 9.84
C VAL A 300 15.07 -6.34 10.19
N ILE A 301 14.12 -7.01 9.54
CA ILE A 301 12.71 -6.76 9.84
C ILE A 301 12.40 -7.15 11.27
N PHE A 302 12.88 -8.31 11.71
CA PHE A 302 12.63 -8.75 13.07
C PHE A 302 13.40 -7.90 14.08
N THR A 303 14.57 -7.39 13.70
CA THR A 303 15.29 -6.46 14.56
C THR A 303 14.44 -5.21 14.83
N VAL A 304 13.90 -4.62 13.76
CA VAL A 304 13.05 -3.44 13.90
C VAL A 304 11.80 -3.77 14.72
N LEU A 305 11.18 -4.92 14.42
CA LEU A 305 9.95 -5.31 15.11
C LEU A 305 10.18 -5.49 16.59
N GLY A 306 11.27 -6.19 16.96
CA GLY A 306 11.60 -6.35 18.36
C GLY A 306 11.94 -5.04 19.04
N TYR A 307 12.63 -4.14 18.32
CA TYR A 307 12.93 -2.82 18.88
C TYR A 307 11.64 -2.08 19.25
N MET A 308 10.68 -2.01 18.33
CA MET A 308 9.47 -1.28 18.64
C MET A 308 8.58 -2.02 19.64
N ALA A 309 8.60 -3.35 19.64
CA ALA A 309 7.85 -4.10 20.64
C ALA A 309 8.40 -3.88 22.04
N GLU A 310 9.72 -3.84 22.20
CA GLU A 310 10.30 -3.50 23.50
C GLU A 310 10.03 -2.05 23.86
N MET A 311 9.98 -1.17 22.87
CA MET A 311 9.62 0.22 23.14
C MET A 311 8.19 0.32 23.67
N ARG A 312 7.27 -0.45 23.10
CA ARG A 312 5.89 -0.46 23.57
C ARG A 312 5.71 -1.16 24.91
N ASN A 313 6.73 -1.86 25.39
CA ASN A 313 6.68 -2.58 26.67
C ASN A 313 5.53 -3.58 26.71
N GLU A 314 5.26 -4.23 25.59
CA GLU A 314 4.21 -5.24 25.48
C GLU A 314 4.79 -6.53 24.92
N ASP A 315 4.00 -7.60 25.04
CA ASP A 315 4.44 -8.91 24.60
C ASP A 315 4.59 -8.96 23.07
N VAL A 316 5.53 -9.77 22.62
CA VAL A 316 5.80 -9.95 21.20
C VAL A 316 4.69 -10.81 20.59
N SER A 317 4.64 -10.85 19.25
CA SER A 317 3.66 -11.56 18.43
C SER A 317 2.28 -10.94 18.47
N GLU A 318 2.08 -9.87 19.24
CA GLU A 318 0.85 -9.10 19.21
C GLU A 318 0.89 -7.96 18.20
N VAL A 319 2.02 -7.78 17.52
CA VAL A 319 2.18 -6.72 16.53
C VAL A 319 2.24 -7.25 15.10
N ALA A 320 2.42 -8.55 14.90
CA ALA A 320 2.47 -9.13 13.57
C ALA A 320 1.10 -9.41 12.98
N LYS A 321 0.05 -8.81 13.55
CA LYS A 321 -1.31 -9.03 13.05
C LYS A 321 -1.52 -8.44 11.66
N ASP A 322 -0.66 -7.51 11.23
CA ASP A 322 -0.78 -6.89 9.91
C ASP A 322 -0.03 -7.76 8.91
N ALA A 323 -0.77 -8.49 8.10
CA ALA A 323 -0.17 -9.36 7.08
C ALA A 323 -0.15 -8.66 5.72
N GLY A 324 0.66 -9.20 4.82
CA GLY A 324 0.77 -8.67 3.48
C GLY A 324 1.52 -7.35 3.43
N PRO A 325 1.28 -6.55 2.39
CA PRO A 325 1.97 -5.26 2.27
C PRO A 325 1.66 -4.28 3.37
N SER A 326 0.55 -4.46 4.11
CA SER A 326 0.24 -3.57 5.22
C SER A 326 1.31 -3.63 6.30
N LEU A 327 1.99 -4.77 6.43
CA LEU A 327 3.04 -4.92 7.43
C LEU A 327 4.08 -3.83 7.27
N LEU A 328 4.62 -3.66 6.06
CA LEU A 328 5.61 -2.62 5.82
C LEU A 328 5.02 -1.25 6.14
N PHE A 329 4.01 -0.84 5.36
CA PHE A 329 3.48 0.51 5.41
C PHE A 329 2.88 0.90 6.76
N ILE A 330 2.74 -0.05 7.69
CA ILE A 330 2.30 0.31 9.04
C ILE A 330 3.47 0.19 10.02
N THR A 331 3.99 -1.04 10.17
CA THR A 331 5.03 -1.30 11.17
C THR A 331 6.29 -0.49 10.89
N TYR A 332 6.82 -0.59 9.66
CA TYR A 332 8.05 0.14 9.35
C TYR A 332 7.80 1.64 9.33
N ALA A 333 6.62 2.07 8.87
CA ALA A 333 6.30 3.49 8.92
C ALA A 333 6.40 4.02 10.35
N GLU A 334 5.81 3.30 11.31
CA GLU A 334 5.92 3.68 12.71
C GLU A 334 7.38 3.63 13.17
N ALA A 335 8.12 2.62 12.73
CA ALA A 335 9.50 2.44 13.18
C ALA A 335 10.36 3.63 12.79
N ILE A 336 10.36 3.98 11.50
CA ILE A 336 11.12 5.16 11.07
C ILE A 336 10.51 6.44 11.61
N ALA A 337 9.20 6.44 11.92
CA ALA A 337 8.61 7.60 12.56
C ALA A 337 9.25 7.85 13.92
N ASN A 338 9.50 6.78 14.69
CA ASN A 338 10.14 6.93 15.98
C ASN A 338 11.66 7.01 15.90
N MET A 339 12.26 6.71 14.75
CA MET A 339 13.70 6.76 14.62
C MET A 339 14.20 8.20 14.63
N PRO A 340 15.43 8.43 15.12
CA PRO A 340 16.00 9.79 15.06
C PRO A 340 16.05 10.35 13.65
N ALA A 341 16.64 9.59 12.72
CA ALA A 341 16.70 9.99 11.31
C ALA A 341 15.45 9.45 10.64
N SER A 342 14.47 10.33 10.41
CA SER A 342 13.18 9.93 9.88
C SER A 342 13.12 10.06 8.36
N THR A 343 13.36 11.26 7.83
CA THR A 343 13.25 11.48 6.39
C THR A 343 14.24 10.62 5.62
N PHE A 344 15.49 10.57 6.08
CA PHE A 344 16.51 9.81 5.39
C PHE A 344 16.14 8.33 5.33
N PHE A 345 15.82 7.74 6.48
CA PHE A 345 15.50 6.32 6.53
C PHE A 345 14.24 6.00 5.73
N ALA A 346 13.22 6.86 5.82
CA ALA A 346 11.99 6.61 5.06
C ALA A 346 12.25 6.64 3.56
N ILE A 347 12.99 7.66 3.08
CA ILE A 347 13.27 7.78 1.66
C ILE A 347 14.10 6.59 1.19
N ILE A 348 15.11 6.21 1.97
CA ILE A 348 15.96 5.08 1.61
C ILE A 348 15.15 3.78 1.54
N PHE A 349 14.30 3.54 2.55
CA PHE A 349 13.52 2.30 2.58
C PHE A 349 12.55 2.23 1.42
N PHE A 350 11.85 3.34 1.12
CA PHE A 350 10.88 3.31 0.03
C PHE A 350 11.56 3.25 -1.33
N LEU A 351 12.73 3.87 -1.47
CA LEU A 351 13.50 3.70 -2.70
C LEU A 351 13.93 2.25 -2.89
N MET A 352 14.32 1.58 -1.79
CA MET A 352 14.68 0.17 -1.89
C MET A 352 13.47 -0.68 -2.28
N LEU A 353 12.29 -0.37 -1.72
CA LEU A 353 11.08 -1.07 -2.14
C LEU A 353 10.81 -0.86 -3.62
N ILE A 354 10.99 0.38 -4.09
CA ILE A 354 10.75 0.69 -5.50
C ILE A 354 11.71 -0.10 -6.38
N THR A 355 12.99 -0.17 -5.99
CA THR A 355 13.96 -0.91 -6.78
C THR A 355 13.66 -2.41 -6.78
N LEU A 356 13.27 -2.95 -5.61
CA LEU A 356 12.87 -4.36 -5.53
C LEU A 356 11.74 -4.66 -6.50
N GLY A 357 10.70 -3.82 -6.49
CA GLY A 357 9.61 -4.01 -7.41
C GLY A 357 10.00 -3.80 -8.86
N LEU A 358 10.91 -2.84 -9.10
CA LEU A 358 11.35 -2.53 -10.45
C LEU A 358 12.05 -3.71 -11.09
N ASP A 359 12.92 -4.38 -10.32
CA ASP A 359 13.61 -5.54 -10.86
C ASP A 359 12.62 -6.60 -11.33
N SER A 360 11.62 -6.91 -10.50
CA SER A 360 10.63 -7.93 -10.86
C SER A 360 9.80 -7.50 -12.05
N THR A 361 9.40 -6.23 -12.11
CA THR A 361 8.57 -5.78 -13.22
C THR A 361 9.33 -5.81 -14.53
N PHE A 362 10.58 -5.32 -14.54
CA PHE A 362 11.43 -5.45 -15.72
C PHE A 362 11.56 -6.90 -16.14
N ALA A 363 11.84 -7.79 -15.18
CA ALA A 363 12.04 -9.20 -15.51
C ALA A 363 10.79 -9.80 -16.15
N GLY A 364 9.64 -9.62 -15.52
CA GLY A 364 8.42 -10.22 -16.05
C GLY A 364 8.00 -9.65 -17.39
N LEU A 365 8.05 -8.32 -17.54
CA LEU A 365 7.64 -7.73 -18.81
C LEU A 365 8.61 -8.09 -19.93
N GLU A 366 9.91 -8.14 -19.64
CA GLU A 366 10.85 -8.57 -20.66
C GLU A 366 10.65 -10.03 -21.02
N GLY A 367 10.31 -10.87 -20.03
CA GLY A 367 10.02 -12.26 -20.35
C GLY A 367 8.83 -12.40 -21.29
N VAL A 368 7.74 -11.68 -20.99
CA VAL A 368 6.56 -11.77 -21.85
C VAL A 368 6.85 -11.17 -23.22
N ILE A 369 7.66 -10.11 -23.28
CA ILE A 369 8.00 -9.48 -24.55
C ILE A 369 8.82 -10.44 -25.40
N THR A 370 9.80 -11.11 -24.79
CA THR A 370 10.59 -12.09 -25.52
C THR A 370 9.73 -13.28 -25.97
N ALA A 371 8.79 -13.69 -25.13
CA ALA A 371 7.87 -14.77 -25.52
C ALA A 371 7.06 -14.39 -26.74
N VAL A 372 6.54 -13.16 -26.77
CA VAL A 372 5.77 -12.72 -27.93
C VAL A 372 6.66 -12.60 -29.16
N LEU A 373 7.87 -12.05 -29.00
CA LEU A 373 8.75 -11.83 -30.14
C LEU A 373 9.19 -13.16 -30.76
N ASP A 374 9.56 -14.13 -29.93
CA ASP A 374 10.06 -15.39 -30.46
C ASP A 374 8.94 -16.23 -31.08
N GLU A 375 7.70 -16.04 -30.62
CA GLU A 375 6.58 -16.76 -31.21
C GLU A 375 6.30 -16.30 -32.63
N PHE A 376 6.59 -15.04 -32.95
CA PHE A 376 6.34 -14.47 -34.28
C PHE A 376 7.65 -13.91 -34.81
N PRO A 377 8.44 -14.75 -35.49
CA PRO A 377 9.71 -14.25 -36.04
C PRO A 377 9.55 -13.14 -37.06
N HIS A 378 8.39 -13.06 -37.73
CA HIS A 378 8.14 -12.00 -38.70
C HIS A 378 7.91 -10.65 -38.06
N PHE A 379 8.06 -10.54 -36.74
CA PHE A 379 7.84 -9.28 -36.03
C PHE A 379 9.11 -8.84 -35.33
N TRP A 380 10.24 -8.86 -36.05
CA TRP A 380 11.52 -8.52 -35.47
C TRP A 380 12.14 -7.24 -36.02
N SER A 381 11.48 -6.57 -36.98
CA SER A 381 12.06 -5.37 -37.57
C SER A 381 11.93 -4.18 -36.62
N LYS A 382 10.71 -3.79 -36.31
CA LYS A 382 10.46 -2.66 -35.41
C LYS A 382 9.40 -2.97 -34.36
N ARG A 383 8.94 -4.22 -34.27
CA ARG A 383 7.89 -4.60 -33.34
C ARG A 383 8.35 -4.57 -31.88
N ARG A 384 9.66 -4.44 -31.62
CA ARG A 384 10.15 -4.46 -30.25
C ARG A 384 9.57 -3.31 -29.42
N GLU A 385 9.83 -2.07 -29.85
CA GLU A 385 9.39 -0.91 -29.08
C GLU A 385 7.87 -0.80 -29.04
N TRP A 386 7.21 -1.03 -30.18
CA TRP A 386 5.75 -0.92 -30.22
C TRP A 386 5.10 -2.00 -29.36
N LEU A 387 5.66 -3.22 -29.37
CA LEU A 387 5.17 -4.28 -28.50
C LEU A 387 5.38 -3.94 -27.03
N ALA A 388 6.52 -3.34 -26.69
CA ALA A 388 6.74 -2.92 -25.32
C ALA A 388 5.70 -1.88 -24.90
N LEU A 389 5.43 -0.92 -25.78
CA LEU A 389 4.41 0.09 -25.50
C LEU A 389 3.04 -0.55 -25.32
N GLY A 390 2.69 -1.51 -26.19
CA GLY A 390 1.41 -2.17 -26.07
C GLY A 390 1.28 -2.98 -24.78
N VAL A 391 2.34 -3.68 -24.39
CA VAL A 391 2.33 -4.42 -23.13
C VAL A 391 2.18 -3.48 -21.96
N VAL A 392 2.89 -2.35 -21.98
CA VAL A 392 2.76 -1.37 -20.90
C VAL A 392 1.34 -0.83 -20.83
N ILE A 393 0.74 -0.55 -21.99
CA ILE A 393 -0.63 -0.05 -22.04
C ILE A 393 -1.61 -1.08 -21.48
N THR A 394 -1.42 -2.35 -21.86
CA THR A 394 -2.30 -3.41 -21.35
C THR A 394 -2.17 -3.56 -19.84
N CYS A 395 -0.93 -3.49 -19.33
CA CYS A 395 -0.73 -3.56 -17.89
C CYS A 395 -1.36 -2.37 -17.17
N PHE A 396 -1.27 -1.18 -17.77
CA PHE A 396 -1.94 -0.01 -17.20
C PHE A 396 -3.45 -0.20 -17.18
N LEU A 397 -4.02 -0.75 -18.26
CA LEU A 397 -5.46 -1.01 -18.29
C LEU A 397 -5.85 -2.01 -17.22
N GLY A 398 -5.03 -3.05 -17.03
CA GLY A 398 -5.31 -4.02 -15.97
C GLY A 398 -5.21 -3.44 -14.57
N SER A 399 -4.27 -2.52 -14.38
CA SER A 399 -4.10 -1.90 -13.06
C SER A 399 -5.09 -0.76 -12.83
N LEU A 400 -5.81 -0.33 -13.87
CA LEU A 400 -6.77 0.75 -13.71
C LEU A 400 -7.85 0.40 -12.70
N ILE A 401 -8.34 -0.84 -12.74
CA ILE A 401 -9.37 -1.26 -11.78
C ILE A 401 -8.80 -1.26 -10.36
N THR A 402 -7.56 -1.71 -10.21
CA THR A 402 -6.89 -1.69 -8.91
C THR A 402 -6.51 -0.29 -8.46
N LEU A 403 -6.60 0.69 -9.36
CA LEU A 403 -6.22 2.08 -9.06
C LEU A 403 -7.30 2.84 -8.30
N THR A 404 -8.46 2.24 -8.09
CA THR A 404 -9.57 2.95 -7.46
C THR A 404 -9.31 3.15 -5.97
N PHE A 405 -10.22 3.86 -5.31
CA PHE A 405 -10.10 4.11 -3.88
C PHE A 405 -10.16 2.82 -3.08
N GLY A 406 -11.09 1.93 -3.43
CA GLY A 406 -11.23 0.66 -2.75
C GLY A 406 -10.50 -0.45 -3.48
N GLY A 407 -9.52 -0.08 -4.30
CA GLY A 407 -8.78 -1.05 -5.09
C GLY A 407 -7.93 -2.00 -4.28
N ALA A 408 -7.61 -1.64 -3.03
CA ALA A 408 -6.77 -2.50 -2.20
C ALA A 408 -7.38 -3.89 -2.04
N TYR A 409 -8.72 -3.98 -2.04
CA TYR A 409 -9.37 -5.28 -1.97
C TYR A 409 -9.01 -6.16 -3.17
N VAL A 410 -9.13 -5.61 -4.38
CA VAL A 410 -8.80 -6.40 -5.56
C VAL A 410 -7.30 -6.64 -5.65
N VAL A 411 -6.48 -5.74 -5.11
CA VAL A 411 -5.04 -5.99 -5.08
C VAL A 411 -4.72 -7.18 -4.18
N LYS A 412 -5.31 -7.22 -3.00
CA LYS A 412 -5.08 -8.33 -2.08
C LYS A 412 -5.72 -9.61 -2.60
N LEU A 413 -6.74 -9.48 -3.46
CA LEU A 413 -7.27 -10.63 -4.17
C LEU A 413 -6.34 -11.17 -5.24
N LEU A 414 -5.77 -10.32 -6.08
CA LEU A 414 -4.88 -10.70 -7.16
C LEU A 414 -3.49 -11.07 -6.62
N GLU A 415 -3.25 -10.76 -5.35
CA GLU A 415 -2.00 -11.17 -4.72
C GLU A 415 -2.11 -12.60 -4.19
N GLU A 416 -3.26 -12.94 -3.61
CA GLU A 416 -3.49 -14.29 -3.11
C GLU A 416 -3.99 -15.25 -4.18
N PHE A 417 -4.47 -14.75 -5.31
CA PHE A 417 -4.87 -15.61 -6.43
C PHE A 417 -4.04 -15.23 -7.65
N ALA A 418 -3.99 -16.15 -8.61
CA ALA A 418 -3.08 -16.10 -9.76
C ALA A 418 -1.63 -16.23 -9.34
N THR A 419 -1.38 -16.33 -8.03
CA THR A 419 -0.04 -16.63 -7.51
C THR A 419 -0.09 -17.83 -6.58
N GLY A 420 -1.17 -18.61 -6.63
CA GLY A 420 -1.29 -19.81 -5.84
C GLY A 420 -1.09 -21.04 -6.70
N PRO A 421 -2.09 -21.92 -6.73
CA PRO A 421 -1.98 -23.13 -7.56
C PRO A 421 -2.22 -22.86 -9.03
N ALA A 422 -1.61 -21.78 -9.54
CA ALA A 422 -1.59 -21.47 -10.97
C ALA A 422 -0.18 -21.48 -11.53
N VAL A 423 0.72 -20.68 -10.96
CA VAL A 423 2.12 -20.76 -11.33
C VAL A 423 2.70 -22.11 -10.92
N LEU A 424 2.26 -22.65 -9.79
CA LEU A 424 2.67 -23.99 -9.38
C LEU A 424 2.25 -25.03 -10.41
N THR A 425 1.00 -24.96 -10.88
CA THR A 425 0.53 -25.90 -11.89
C THR A 425 1.29 -25.72 -13.21
N VAL A 426 1.56 -24.48 -13.59
CA VAL A 426 2.31 -24.21 -14.83
C VAL A 426 3.70 -24.82 -14.74
N ALA A 427 4.38 -24.62 -13.62
CA ALA A 427 5.72 -25.18 -13.45
C ALA A 427 5.67 -26.70 -13.40
N LEU A 428 4.65 -27.27 -12.77
CA LEU A 428 4.51 -28.72 -12.72
C LEU A 428 4.33 -29.30 -14.12
N ILE A 429 3.48 -28.66 -14.93
CA ILE A 429 3.28 -29.12 -16.30
C ILE A 429 4.55 -28.97 -17.11
N GLU A 430 5.28 -27.87 -16.90
CA GLU A 430 6.56 -27.66 -17.56
C GLU A 430 7.53 -28.79 -17.26
N ALA A 431 7.71 -29.10 -15.97
CA ALA A 431 8.63 -30.16 -15.57
C ALA A 431 8.17 -31.52 -16.09
N VAL A 432 6.87 -31.79 -16.02
CA VAL A 432 6.35 -33.07 -16.49
C VAL A 432 6.62 -33.23 -17.98
N ALA A 433 6.33 -32.19 -18.77
CA ALA A 433 6.59 -32.27 -20.21
C ALA A 433 8.06 -32.47 -20.49
N VAL A 434 8.92 -31.67 -19.86
CA VAL A 434 10.35 -31.73 -20.18
C VAL A 434 10.96 -33.07 -19.77
N PHE A 435 10.54 -33.63 -18.64
CA PHE A 435 11.18 -34.84 -18.12
C PHE A 435 10.40 -36.12 -18.44
N TRP A 436 9.28 -36.03 -19.15
CA TRP A 436 8.55 -37.22 -19.56
C TRP A 436 8.36 -37.33 -21.06
N PHE A 437 8.13 -36.22 -21.76
CA PHE A 437 7.97 -36.24 -23.22
C PHE A 437 9.26 -35.89 -23.95
N TYR A 438 9.92 -34.81 -23.53
CA TYR A 438 11.23 -34.48 -24.09
C TYR A 438 12.26 -35.53 -23.73
N GLY A 439 12.08 -36.22 -22.61
CA GLY A 439 13.01 -37.26 -22.19
C GLY A 439 14.09 -36.76 -21.27
N ILE A 440 14.27 -37.41 -20.12
CA ILE A 440 15.33 -37.03 -19.20
C ILE A 440 16.69 -37.30 -19.82
N THR A 441 16.82 -38.39 -20.57
CA THR A 441 18.09 -38.70 -21.22
C THR A 441 18.45 -37.66 -22.27
N GLN A 442 17.46 -37.23 -23.06
CA GLN A 442 17.72 -36.20 -24.07
C GLN A 442 18.13 -34.88 -23.43
N PHE A 443 17.44 -34.48 -22.36
CA PHE A 443 17.79 -33.25 -21.66
C PHE A 443 19.19 -33.34 -21.06
N CYS A 444 19.53 -34.48 -20.47
CA CYS A 444 20.86 -34.66 -19.92
C CYS A 444 21.93 -34.60 -21.00
N SER A 445 21.66 -35.21 -22.16
CA SER A 445 22.61 -35.14 -23.26
C SER A 445 22.77 -33.70 -23.75
N ASP A 446 21.67 -32.96 -23.83
CA ASP A 446 21.76 -31.55 -24.25
C ASP A 446 22.58 -30.73 -23.26
N VAL A 447 22.36 -30.94 -21.96
CA VAL A 447 23.13 -30.20 -20.97
C VAL A 447 24.60 -30.60 -21.01
N LYS A 448 24.88 -31.89 -21.26
CA LYS A 448 26.27 -32.34 -21.37
C LYS A 448 26.96 -31.70 -22.56
N GLU A 449 26.28 -31.64 -23.71
CA GLU A 449 26.84 -30.96 -24.87
C GLU A 449 26.91 -29.45 -24.67
N MET A 450 26.12 -28.91 -23.74
CA MET A 450 26.16 -27.49 -23.43
C MET A 450 27.39 -27.15 -22.59
N LEU A 451 27.47 -27.71 -21.40
CA LEU A 451 28.53 -27.34 -20.46
C LEU A 451 29.81 -28.12 -20.70
N GLY A 452 29.69 -29.40 -21.02
CA GLY A 452 30.83 -30.31 -21.14
C GLY A 452 30.75 -31.52 -20.24
N PHE A 453 29.96 -31.45 -19.16
CA PHE A 453 29.78 -32.57 -18.24
C PHE A 453 28.30 -32.73 -17.97
N SER A 454 27.85 -33.98 -17.96
CA SER A 454 26.44 -34.25 -17.69
C SER A 454 26.15 -34.05 -16.20
N PRO A 455 24.96 -33.55 -15.85
CA PRO A 455 24.60 -33.43 -14.44
C PRO A 455 24.69 -34.77 -13.72
N GLY A 456 25.00 -34.70 -12.43
CA GLY A 456 25.09 -35.91 -11.63
C GLY A 456 23.75 -36.59 -11.44
N TRP A 457 23.81 -37.80 -10.87
CA TRP A 457 22.60 -38.59 -10.66
C TRP A 457 21.61 -37.91 -9.72
N PHE A 458 22.08 -36.97 -8.90
CA PHE A 458 21.19 -36.26 -8.00
C PHE A 458 20.09 -35.54 -8.78
N TRP A 459 20.48 -34.74 -9.76
CA TRP A 459 19.49 -34.07 -10.60
C TRP A 459 18.67 -35.09 -11.40
N ARG A 460 19.34 -36.13 -11.92
CA ARG A 460 18.68 -37.09 -12.78
C ARG A 460 17.57 -37.85 -12.06
N ILE A 461 17.68 -38.02 -10.75
CA ILE A 461 16.62 -38.66 -9.97
C ILE A 461 15.65 -37.63 -9.41
N CYS A 462 16.14 -36.45 -9.02
CA CYS A 462 15.26 -35.45 -8.43
C CYS A 462 14.24 -34.94 -9.45
N TRP A 463 14.71 -34.53 -10.63
CA TRP A 463 13.84 -33.98 -11.65
C TRP A 463 12.71 -34.93 -12.02
N VAL A 464 12.96 -36.24 -11.93
CA VAL A 464 11.97 -37.23 -12.32
C VAL A 464 11.09 -37.69 -11.16
N ALA A 465 11.59 -37.66 -9.93
CA ALA A 465 10.83 -38.21 -8.81
C ALA A 465 10.28 -37.15 -7.86
N ILE A 466 11.10 -36.19 -7.45
CA ILE A 466 10.74 -35.33 -6.32
C ILE A 466 9.98 -34.09 -6.77
N SER A 467 10.59 -33.31 -7.67
CA SER A 467 10.03 -32.00 -8.03
C SER A 467 8.61 -32.09 -8.57
N PRO A 468 8.28 -32.95 -9.56
CA PRO A 468 6.86 -33.05 -9.95
C PRO A 468 5.97 -33.56 -8.83
N LEU A 469 6.44 -34.54 -8.07
CA LEU A 469 5.64 -35.05 -6.95
C LEU A 469 5.46 -33.99 -5.88
N PHE A 470 6.52 -33.24 -5.56
CA PHE A 470 6.40 -32.20 -4.54
C PHE A 470 5.48 -31.08 -5.00
N LEU A 471 5.53 -30.70 -6.28
CA LEU A 471 4.60 -29.70 -6.80
C LEU A 471 3.17 -30.21 -6.76
N VAL A 472 2.94 -31.48 -7.12
CA VAL A 472 1.60 -32.05 -7.05
C VAL A 472 1.10 -32.06 -5.62
N PHE A 473 1.98 -32.39 -4.67
CA PHE A 473 1.60 -32.42 -3.26
C PHE A 473 1.25 -31.02 -2.76
N ILE A 474 2.02 -30.02 -3.19
CA ILE A 474 1.70 -28.63 -2.84
C ILE A 474 0.32 -28.25 -3.38
N ILE A 475 0.06 -28.60 -4.65
CA ILE A 475 -1.21 -28.25 -5.26
C ILE A 475 -2.37 -28.93 -4.54
N CYS A 476 -2.21 -30.21 -4.22
CA CYS A 476 -3.25 -30.93 -3.49
C CYS A 476 -3.50 -30.36 -2.12
N SER A 477 -2.44 -29.98 -1.40
CA SER A 477 -2.61 -29.36 -0.09
C SER A 477 -3.31 -28.02 -0.19
N PHE A 478 -2.95 -27.22 -1.20
CA PHE A 478 -3.56 -25.90 -1.36
C PHE A 478 -5.03 -26.00 -1.75
N LEU A 479 -5.37 -26.96 -2.62
CA LEU A 479 -6.76 -27.09 -3.06
C LEU A 479 -7.68 -27.52 -1.92
N MET A 480 -7.14 -28.21 -0.92
CA MET A 480 -7.96 -28.71 0.19
C MET A 480 -8.12 -27.68 1.31
N SER A 481 -7.51 -26.50 1.18
CA SER A 481 -7.62 -25.46 2.20
C SER A 481 -8.49 -24.33 1.67
N PRO A 482 -9.73 -24.18 2.14
CA PRO A 482 -10.58 -23.08 1.69
C PRO A 482 -9.97 -21.74 2.05
N PRO A 483 -10.09 -20.74 1.16
CA PRO A 483 -9.52 -19.42 1.44
C PRO A 483 -10.52 -18.47 2.10
N GLN A 484 -10.01 -17.70 3.06
CA GLN A 484 -10.81 -16.69 3.76
C GLN A 484 -9.94 -15.44 3.93
N LEU A 485 -10.01 -14.55 2.94
CA LEU A 485 -9.23 -13.33 2.99
C LEU A 485 -9.82 -12.35 4.01
N TRP A 486 -8.94 -11.54 4.59
CA TRP A 486 -9.34 -10.58 5.62
C TRP A 486 -8.46 -9.35 5.52
N LEU A 487 -9.01 -8.27 4.97
CA LEU A 487 -8.32 -6.99 4.93
C LEU A 487 -8.74 -6.18 6.17
N PHE A 488 -8.46 -4.88 6.19
CA PHE A 488 -8.77 -4.05 7.35
C PHE A 488 -10.28 -3.97 7.54
N GLN A 489 -10.79 -4.66 8.56
CA GLN A 489 -12.20 -4.63 8.95
C GLN A 489 -13.11 -4.96 7.77
N TYR A 490 -12.75 -5.98 7.01
CA TYR A 490 -13.57 -6.41 5.87
C TYR A 490 -13.38 -7.91 5.68
N ASN A 491 -14.48 -8.66 5.73
CA ASN A 491 -14.47 -10.09 5.46
C ASN A 491 -14.97 -10.32 4.04
N TYR A 492 -14.18 -11.01 3.23
CA TYR A 492 -14.54 -11.23 1.84
C TYR A 492 -15.78 -12.12 1.75
N PRO A 493 -16.74 -11.75 0.92
CA PRO A 493 -17.97 -12.55 0.79
C PRO A 493 -17.74 -13.77 -0.10
N GLN A 494 -18.82 -14.53 -0.30
CA GLN A 494 -18.72 -15.77 -1.07
C GLN A 494 -18.34 -15.50 -2.52
N TRP A 495 -18.92 -14.45 -3.12
CA TRP A 495 -18.65 -14.17 -4.52
C TRP A 495 -17.21 -13.71 -4.76
N SER A 496 -16.55 -13.15 -3.74
CA SER A 496 -15.17 -12.73 -3.91
C SER A 496 -14.24 -13.94 -4.10
N ILE A 497 -14.45 -14.99 -3.31
CA ILE A 497 -13.63 -16.20 -3.44
C ILE A 497 -13.95 -16.99 -4.69
N ILE A 498 -15.06 -16.70 -5.36
CA ILE A 498 -15.37 -17.28 -6.65
C ILE A 498 -14.77 -16.46 -7.79
N LEU A 499 -14.80 -15.13 -7.65
CA LEU A 499 -14.13 -14.28 -8.62
C LEU A 499 -12.63 -14.53 -8.63
N GLY A 500 -12.03 -14.71 -7.45
CA GLY A 500 -10.63 -15.05 -7.39
C GLY A 500 -10.32 -16.40 -8.02
N TYR A 501 -11.18 -17.39 -7.77
CA TYR A 501 -11.00 -18.70 -8.39
C TYR A 501 -11.08 -18.60 -9.91
N CYS A 502 -12.04 -17.81 -10.42
CA CYS A 502 -12.16 -17.62 -11.86
C CYS A 502 -10.93 -16.93 -12.43
N ILE A 503 -10.41 -15.93 -11.71
CA ILE A 503 -9.21 -15.22 -12.17
C ILE A 503 -8.03 -16.18 -12.23
N GLY A 504 -7.87 -17.02 -11.20
CA GLY A 504 -6.78 -17.98 -11.21
C GLY A 504 -6.94 -19.02 -12.32
N THR A 505 -8.16 -19.47 -12.56
CA THR A 505 -8.43 -20.46 -13.60
C THR A 505 -8.20 -19.90 -15.00
N SER A 506 -8.53 -18.62 -15.22
CA SER A 506 -8.45 -18.04 -16.57
C SER A 506 -7.05 -18.19 -17.18
N SER A 507 -6.00 -18.08 -16.35
CA SER A 507 -4.65 -18.28 -16.86
C SER A 507 -4.39 -19.76 -17.15
N PHE A 508 -4.79 -20.64 -16.22
CA PHE A 508 -4.50 -22.06 -16.38
C PHE A 508 -5.28 -22.69 -17.52
N ILE A 509 -6.44 -22.12 -17.87
CA ILE A 509 -7.30 -22.70 -18.89
C ILE A 509 -6.69 -22.65 -20.28
N CYS A 510 -5.63 -21.87 -20.48
CA CYS A 510 -5.01 -21.78 -21.79
C CYS A 510 -4.39 -23.11 -22.22
N ILE A 511 -3.75 -23.82 -21.28
CA ILE A 511 -3.09 -25.08 -21.63
C ILE A 511 -4.08 -26.13 -22.13
N PRO A 512 -5.18 -26.45 -21.42
CA PRO A 512 -6.14 -27.41 -22.00
C PRO A 512 -6.78 -26.91 -23.28
N THR A 513 -6.98 -25.59 -23.40
CA THR A 513 -7.55 -25.04 -24.63
C THR A 513 -6.65 -25.34 -25.83
N TYR A 514 -5.35 -25.08 -25.68
CA TYR A 514 -4.43 -25.39 -26.77
C TYR A 514 -4.26 -26.89 -26.96
N ILE A 515 -4.36 -27.68 -25.89
CA ILE A 515 -4.30 -29.13 -26.03
C ILE A 515 -5.43 -29.62 -26.94
N THR A 516 -6.65 -29.17 -26.66
CA THR A 516 -7.78 -29.54 -27.50
C THR A 516 -7.64 -28.99 -28.91
N TYR A 517 -7.14 -27.75 -29.04
CA TYR A 517 -6.99 -27.13 -30.36
C TYR A 517 -6.03 -27.95 -31.21
N ARG A 518 -4.89 -28.32 -30.65
CA ARG A 518 -3.91 -29.09 -31.42
C ARG A 518 -4.35 -30.53 -31.63
N LEU A 519 -5.18 -31.06 -30.72
CA LEU A 519 -5.70 -32.42 -30.91
C LEU A 519 -6.71 -32.46 -32.06
N ILE A 520 -7.53 -31.41 -32.21
CA ILE A 520 -8.57 -31.41 -33.21
C ILE A 520 -8.18 -30.74 -34.53
N ILE A 521 -7.06 -30.01 -34.56
CA ILE A 521 -6.67 -29.31 -35.78
C ILE A 521 -6.29 -30.30 -36.88
N THR A 522 -5.67 -31.41 -36.50
CA THR A 522 -5.24 -32.43 -37.45
C THR A 522 -6.21 -33.61 -37.43
N PRO A 523 -6.76 -34.03 -38.56
CA PRO A 523 -7.62 -35.21 -38.56
C PRO A 523 -6.84 -36.50 -38.34
N GLY A 524 -7.55 -37.51 -37.84
CA GLY A 524 -6.97 -38.82 -37.66
C GLY A 524 -7.52 -39.49 -36.41
N THR A 525 -6.98 -40.66 -36.10
CA THR A 525 -7.33 -41.34 -34.87
C THR A 525 -6.58 -40.72 -33.69
N LEU A 526 -7.12 -40.94 -32.48
CA LEU A 526 -6.57 -40.34 -31.28
C LEU A 526 -5.13 -40.77 -31.01
N LYS A 527 -4.83 -42.05 -31.23
CA LYS A 527 -3.52 -42.57 -30.83
C LYS A 527 -2.39 -41.88 -31.58
N GLU A 528 -2.46 -41.86 -32.92
CA GLU A 528 -1.39 -41.22 -33.66
C GLU A 528 -1.46 -39.71 -33.53
N ARG A 529 -2.65 -39.17 -33.19
CA ARG A 529 -2.75 -37.75 -32.86
C ARG A 529 -1.85 -37.40 -31.69
N ILE A 530 -1.98 -38.14 -30.58
CA ILE A 530 -1.13 -37.89 -29.42
C ILE A 530 0.31 -38.28 -29.72
N VAL A 531 0.53 -39.18 -30.69
CA VAL A 531 1.90 -39.53 -31.08
C VAL A 531 2.60 -38.34 -31.72
N LYS A 532 1.95 -37.71 -32.70
CA LYS A 532 2.57 -36.56 -33.35
C LYS A 532 2.52 -35.29 -32.49
N GLY A 533 1.56 -35.20 -31.58
CA GLY A 533 1.51 -34.06 -30.68
C GLY A 533 2.72 -34.01 -29.76
N ILE A 534 3.10 -35.17 -29.21
CA ILE A 534 4.27 -35.22 -28.32
C ILE A 534 5.56 -34.99 -29.11
N THR A 535 5.69 -35.65 -30.25
CA THR A 535 6.94 -35.57 -31.01
C THR A 535 7.09 -34.19 -31.64
N PRO A 536 8.26 -33.57 -31.51
CA PRO A 536 8.48 -32.25 -32.10
C PRO A 536 8.71 -32.36 -33.61
N GLU A 537 8.92 -31.21 -34.23
CA GLU A 537 9.18 -31.12 -35.67
C GLU A 537 10.55 -30.51 -35.91
N THR A 538 11.32 -31.12 -36.81
CA THR A 538 12.64 -30.61 -37.12
C THR A 538 12.54 -29.27 -37.85
N PRO A 539 13.50 -28.36 -37.62
CA PRO A 539 13.50 -27.05 -38.27
C PRO A 539 13.65 -27.15 -39.79
N GLN B 1 -19.36 13.99 28.97
CA GLN B 1 -19.41 15.34 29.54
C GLN B 1 -18.12 16.10 29.23
N VAL B 2 -18.21 17.02 28.28
CA VAL B 2 -17.07 17.86 27.88
C VAL B 2 -17.36 19.28 28.33
N GLN B 3 -16.43 19.84 29.11
CA GLN B 3 -16.57 21.19 29.64
C GLN B 3 -15.29 21.97 29.38
N LEU B 4 -15.44 23.19 28.84
CA LEU B 4 -14.32 24.08 28.57
C LEU B 4 -14.46 25.31 29.45
N GLN B 5 -13.42 25.62 30.22
CA GLN B 5 -13.40 26.76 31.12
C GLN B 5 -12.49 27.84 30.55
N GLN B 6 -13.01 29.06 30.46
CA GLN B 6 -12.29 30.19 29.91
C GLN B 6 -12.07 31.24 30.99
N SER B 7 -11.09 32.11 30.75
CA SER B 7 -10.78 33.17 31.69
C SER B 7 -11.88 34.23 31.70
N GLY B 8 -11.90 35.03 32.75
CA GLY B 8 -12.88 36.09 32.89
C GLY B 8 -12.55 37.29 32.03
N PRO B 9 -13.46 38.26 32.03
CA PRO B 9 -13.23 39.48 31.25
C PRO B 9 -11.99 40.22 31.72
N GLU B 10 -11.28 40.81 30.76
CA GLU B 10 -10.03 41.53 31.04
C GLU B 10 -10.06 42.87 30.33
N LEU B 11 -9.31 43.82 30.89
CA LEU B 11 -9.15 45.15 30.30
C LEU B 11 -7.66 45.39 30.07
N VAL B 12 -7.32 45.83 28.86
CA VAL B 12 -5.93 46.02 28.45
C VAL B 12 -5.77 47.46 27.96
N LYS B 13 -4.75 48.15 28.46
CA LYS B 13 -4.44 49.49 27.99
C LYS B 13 -3.87 49.43 26.58
N LEU B 14 -3.96 50.57 25.88
CA LEU B 14 -3.43 50.67 24.52
C LEU B 14 -1.91 50.64 24.58
N GLY B 15 -1.32 49.51 24.22
CA GLY B 15 0.12 49.36 24.25
C GLY B 15 0.59 48.33 25.27
N ALA B 16 -0.24 47.32 25.52
CA ALA B 16 0.08 46.27 26.49
C ALA B 16 -0.26 44.93 25.85
N SER B 17 -0.23 43.87 26.66
CA SER B 17 -0.49 42.51 26.19
C SER B 17 -1.55 41.87 27.08
N VAL B 18 -1.91 40.63 26.73
CA VAL B 18 -2.90 39.88 27.49
C VAL B 18 -2.60 38.40 27.32
N ARG B 19 -3.06 37.59 28.28
CA ARG B 19 -2.87 36.15 28.25
C ARG B 19 -4.21 35.49 28.60
N ILE B 20 -4.86 34.90 27.59
CA ILE B 20 -6.18 34.30 27.74
C ILE B 20 -6.01 32.79 27.86
N SER B 21 -6.60 32.22 28.91
CA SER B 21 -6.51 30.79 29.19
C SER B 21 -7.76 30.06 28.71
N CYS B 22 -7.63 28.74 28.58
CA CYS B 22 -8.75 27.89 28.19
C CYS B 22 -8.51 26.50 28.81
N LYS B 23 -9.22 26.21 29.90
CA LYS B 23 -9.04 24.95 30.62
C LYS B 23 -10.06 23.94 30.10
N ALA B 24 -9.61 23.07 29.20
CA ALA B 24 -10.48 22.02 28.69
C ALA B 24 -10.43 20.79 29.59
N SER B 25 -11.51 20.01 29.55
CA SER B 25 -11.64 18.82 30.38
C SER B 25 -12.73 17.93 29.79
N GLY B 26 -12.80 16.70 30.29
CA GLY B 26 -13.83 15.76 29.92
C GLY B 26 -13.57 14.95 28.67
N TYR B 27 -12.36 15.00 28.11
CA TYR B 27 -12.03 14.26 26.91
C TYR B 27 -10.52 14.12 26.83
N ARG B 28 -10.04 13.55 25.72
CA ARG B 28 -8.62 13.38 25.48
C ARG B 28 -8.04 14.73 25.03
N PHE B 29 -7.36 15.41 25.96
CA PHE B 29 -6.86 16.76 25.68
C PHE B 29 -5.81 16.76 24.58
N SER B 30 -4.99 15.72 24.50
CA SER B 30 -3.90 15.68 23.54
C SER B 30 -4.33 15.27 22.14
N TYR B 31 -5.59 14.87 21.96
CA TYR B 31 -6.08 14.35 20.68
C TYR B 31 -7.24 15.18 20.15
N SER B 32 -7.12 16.51 20.23
CA SER B 32 -8.15 17.40 19.72
C SER B 32 -7.57 18.79 19.55
N TRP B 33 -7.86 19.43 18.42
CA TRP B 33 -7.40 20.78 18.17
C TRP B 33 -8.11 21.78 19.08
N MET B 34 -7.42 22.87 19.39
CA MET B 34 -7.98 23.97 20.16
C MET B 34 -7.95 25.22 19.29
N ASN B 35 -9.13 25.70 18.91
CA ASN B 35 -9.27 26.83 18.00
C ASN B 35 -9.80 28.04 18.76
N TRP B 36 -9.18 29.19 18.51
CA TRP B 36 -9.60 30.46 19.10
C TRP B 36 -10.35 31.28 18.06
N VAL B 37 -11.41 31.94 18.50
CA VAL B 37 -12.30 32.67 17.60
C VAL B 37 -12.47 34.10 18.13
N LYS B 38 -12.28 35.07 17.26
CA LYS B 38 -12.47 36.48 17.59
C LYS B 38 -13.81 36.97 17.02
N GLN B 39 -14.54 37.73 17.83
CA GLN B 39 -15.83 38.26 17.42
C GLN B 39 -15.95 39.70 17.89
N ARG B 40 -15.90 40.63 16.95
CA ARG B 40 -16.10 42.03 17.27
C ARG B 40 -17.56 42.27 17.67
N PRO B 41 -17.82 43.29 18.51
CA PRO B 41 -19.20 43.56 18.93
C PRO B 41 -20.10 43.94 17.76
N GLY B 42 -21.08 43.09 17.46
CA GLY B 42 -21.99 43.32 16.36
C GLY B 42 -21.53 42.79 15.02
N LYS B 43 -20.31 42.26 14.93
CA LYS B 43 -19.78 41.73 13.69
C LYS B 43 -19.80 40.20 13.73
N GLY B 44 -19.27 39.58 12.66
CA GLY B 44 -19.25 38.14 12.55
C GLY B 44 -18.03 37.52 13.21
N LEU B 45 -18.00 36.18 13.18
CA LEU B 45 -16.89 35.44 13.77
C LEU B 45 -15.64 35.59 12.92
N GLU B 46 -14.49 35.54 13.59
CA GLU B 46 -13.19 35.65 12.93
C GLU B 46 -12.26 34.61 13.55
N TRP B 47 -11.76 33.70 12.73
CA TRP B 47 -10.88 32.64 13.22
C TRP B 47 -9.50 33.20 13.52
N ILE B 48 -8.95 32.81 14.67
CA ILE B 48 -7.66 33.29 15.15
C ILE B 48 -6.55 32.28 14.86
N GLY B 49 -6.78 31.02 15.18
CA GLY B 49 -5.78 30.00 14.95
C GLY B 49 -6.18 28.69 15.61
N ARG B 50 -5.23 27.75 15.60
CA ARG B 50 -5.47 26.44 16.20
C ARG B 50 -4.15 25.90 16.73
N ILE B 51 -4.26 24.96 17.66
CA ILE B 51 -3.09 24.32 18.26
C ILE B 51 -3.45 22.87 18.59
N TYR B 52 -2.50 21.97 18.39
CA TYR B 52 -2.66 20.57 18.75
C TYR B 52 -1.83 20.26 19.99
N PRO B 53 -2.44 20.03 21.15
CA PRO B 53 -1.66 19.78 22.37
C PRO B 53 -0.79 18.54 22.30
N GLY B 54 -1.11 17.58 21.44
CA GLY B 54 -0.31 16.37 21.36
C GLY B 54 1.11 16.63 20.87
N ASP B 55 1.25 17.42 19.81
CA ASP B 55 2.55 17.76 19.26
C ASP B 55 2.98 19.20 19.51
N GLY B 56 2.06 20.07 19.90
CA GLY B 56 2.38 21.47 20.11
C GLY B 56 2.39 22.32 18.86
N ASP B 57 2.07 21.76 17.70
CA ASP B 57 2.03 22.52 16.47
C ASP B 57 0.88 23.51 16.48
N THR B 58 1.10 24.67 15.87
CA THR B 58 0.11 25.74 15.82
C THR B 58 -0.06 26.23 14.39
N LYS B 59 -1.30 26.59 14.04
CA LYS B 59 -1.62 27.14 12.74
C LYS B 59 -2.43 28.42 12.92
N TYR B 60 -2.42 29.26 11.89
CA TYR B 60 -3.08 30.56 11.95
C TYR B 60 -3.86 30.79 10.66
N SER B 61 -4.68 31.84 10.68
CA SER B 61 -5.53 32.18 9.53
C SER B 61 -4.85 33.19 8.61
N GLY B 62 -4.56 34.38 9.13
CA GLY B 62 -4.00 35.46 8.33
C GLY B 62 -2.89 36.20 9.04
N LYS B 63 -3.04 37.52 9.14
CA LYS B 63 -2.05 38.35 9.82
C LYS B 63 -1.98 38.08 11.32
N PHE B 64 -2.92 37.31 11.87
CA PHE B 64 -2.90 37.00 13.29
C PHE B 64 -1.68 36.18 13.69
N LYS B 65 -0.98 35.56 12.72
CA LYS B 65 0.19 34.77 13.04
C LYS B 65 1.31 35.62 13.64
N GLY B 66 1.45 36.86 13.19
CA GLY B 66 2.45 37.76 13.72
C GLY B 66 2.08 38.46 15.01
N LYS B 67 0.85 38.27 15.48
CA LYS B 67 0.37 38.91 16.70
C LYS B 67 -0.05 37.91 17.76
N ALA B 68 -0.74 36.84 17.37
CA ALA B 68 -1.24 35.85 18.31
C ALA B 68 -0.29 34.66 18.41
N THR B 69 0.02 34.26 19.64
CA THR B 69 0.84 33.09 19.91
C THR B 69 0.02 32.10 20.72
N LEU B 70 0.03 30.83 20.31
CA LEU B 70 -0.75 29.79 20.95
C LEU B 70 0.17 28.81 21.66
N THR B 71 -0.09 28.58 22.95
CA THR B 71 0.65 27.61 23.74
C THR B 71 -0.33 26.68 24.44
N ALA B 72 0.13 25.48 24.74
CA ALA B 72 -0.70 24.47 25.41
C ALA B 72 0.13 23.74 26.45
N ASP B 73 -0.44 23.56 27.63
CA ASP B 73 0.19 22.82 28.73
C ASP B 73 -0.60 21.53 28.93
N LYS B 74 0.05 20.39 28.68
CA LYS B 74 -0.64 19.10 28.81
C LYS B 74 -0.93 18.75 30.26
N SER B 75 -0.02 19.07 31.18
CA SER B 75 -0.21 18.70 32.57
C SER B 75 -1.41 19.42 33.19
N SER B 76 -1.56 20.71 32.92
CA SER B 76 -2.66 21.48 33.46
C SER B 76 -3.87 21.54 32.54
N SER B 77 -3.78 20.99 31.33
CA SER B 77 -4.88 20.97 30.37
C SER B 77 -5.40 22.39 30.09
N THR B 78 -4.48 23.34 29.94
CA THR B 78 -4.82 24.73 29.67
C THR B 78 -4.19 25.17 28.36
N VAL B 79 -4.91 26.01 27.63
CA VAL B 79 -4.44 26.54 26.35
C VAL B 79 -4.37 28.06 26.47
N TYR B 80 -3.21 28.62 26.12
CA TYR B 80 -2.99 30.05 26.19
C TYR B 80 -2.96 30.65 24.78
N MET B 81 -3.33 31.93 24.71
CA MET B 81 -3.38 32.63 23.42
C MET B 81 -2.99 34.10 23.70
N GLN B 82 -1.72 34.40 23.48
CA GLN B 82 -1.17 35.71 23.82
C GLN B 82 -1.37 36.70 22.68
N LEU B 83 -1.65 37.95 23.05
CA LEU B 83 -1.80 39.05 22.10
C LEU B 83 -0.74 40.11 22.38
N SER B 84 -0.03 40.51 21.33
CA SER B 84 1.07 41.46 21.44
C SER B 84 0.67 42.79 20.81
N SER B 85 0.94 43.88 21.52
CA SER B 85 0.67 45.24 21.06
C SER B 85 -0.82 45.43 20.73
N LEU B 86 -1.64 45.25 21.76
CA LEU B 86 -3.08 45.40 21.57
C LEU B 86 -3.46 46.87 21.39
N THR B 87 -4.40 47.11 20.49
CA THR B 87 -4.93 48.45 20.22
C THR B 87 -6.46 48.40 20.28
N SER B 88 -7.08 49.53 19.89
CA SER B 88 -8.53 49.63 19.97
C SER B 88 -9.24 48.71 18.99
N GLU B 89 -8.54 48.30 17.92
CA GLU B 89 -9.16 47.45 16.92
C GLU B 89 -9.43 46.03 17.44
N ASP B 90 -8.79 45.62 18.53
CA ASP B 90 -8.94 44.28 19.07
C ASP B 90 -9.91 44.22 20.23
N SER B 91 -10.72 45.27 20.45
CA SER B 91 -11.70 45.29 21.52
C SER B 91 -12.86 44.40 21.13
N ALA B 92 -12.67 43.08 21.34
CA ALA B 92 -13.66 42.10 20.94
C ALA B 92 -13.80 41.01 21.99
N VAL B 93 -14.59 39.98 21.69
CA VAL B 93 -14.79 38.85 22.59
C VAL B 93 -14.15 37.63 21.93
N TYR B 94 -13.16 37.05 22.61
CA TYR B 94 -12.40 35.93 22.06
C TYR B 94 -12.94 34.62 22.64
N PHE B 95 -13.37 33.71 21.76
CA PHE B 95 -13.89 32.42 22.17
C PHE B 95 -12.82 31.35 22.00
N CYS B 96 -13.07 30.20 22.65
CA CYS B 96 -12.14 29.07 22.57
C CYS B 96 -12.97 27.80 22.42
N ALA B 97 -12.79 27.11 21.30
CA ALA B 97 -13.54 25.90 21.00
C ALA B 97 -12.58 24.77 20.63
N ARG B 98 -13.03 23.54 20.85
CA ARG B 98 -12.24 22.35 20.56
C ARG B 98 -12.77 21.67 19.30
N SER B 99 -11.89 21.42 18.34
CA SER B 99 -12.28 20.80 17.09
C SER B 99 -12.49 19.31 17.26
N ALA B 100 -13.28 18.74 16.34
CA ALA B 100 -13.57 17.31 16.35
C ALA B 100 -12.55 16.58 15.49
N TYR B 101 -12.83 15.30 15.18
CA TYR B 101 -11.91 14.48 14.40
C TYR B 101 -12.07 14.78 12.91
N GLY B 102 -11.47 13.95 12.07
CA GLY B 102 -11.44 14.18 10.64
C GLY B 102 -12.78 14.07 9.93
N SER B 103 -13.40 12.89 9.98
CA SER B 103 -14.68 12.68 9.33
C SER B 103 -15.79 13.55 9.91
N GLU B 104 -15.60 14.09 11.11
CA GLU B 104 -16.51 15.07 11.68
C GLU B 104 -16.27 16.47 11.13
N GLY B 105 -15.28 16.64 10.26
CA GLY B 105 -14.99 17.93 9.69
C GLY B 105 -14.32 18.91 10.64
N PHE B 106 -13.61 18.40 11.64
CA PHE B 106 -12.99 19.24 12.68
C PHE B 106 -14.03 20.16 13.31
N ALA B 107 -15.20 19.60 13.62
CA ALA B 107 -16.33 20.39 14.08
C ALA B 107 -16.05 21.02 15.44
N MET B 108 -16.53 22.26 15.62
CA MET B 108 -16.43 22.96 16.89
C MET B 108 -17.65 22.59 17.75
N ASP B 109 -17.68 21.33 18.16
CA ASP B 109 -18.82 20.81 18.91
C ASP B 109 -18.99 21.51 20.25
N TYR B 110 -17.90 21.76 20.95
CA TYR B 110 -17.92 22.36 22.28
C TYR B 110 -17.21 23.71 22.24
N TRP B 111 -17.85 24.73 22.79
CA TRP B 111 -17.32 26.08 22.83
C TRP B 111 -17.14 26.51 24.28
N GLY B 112 -16.35 27.58 24.46
CA GLY B 112 -16.12 28.14 25.77
C GLY B 112 -17.20 29.14 26.16
N GLN B 113 -16.77 30.30 26.67
CA GLN B 113 -17.72 31.35 27.03
C GLN B 113 -17.34 32.73 26.51
N GLY B 114 -16.12 32.94 26.04
CA GLY B 114 -15.72 34.23 25.51
C GLY B 114 -15.27 35.22 26.58
N THR B 115 -14.19 35.92 26.31
CA THR B 115 -13.65 36.93 27.22
C THR B 115 -13.76 38.29 26.57
N SER B 116 -14.40 39.23 27.27
CA SER B 116 -14.63 40.58 26.73
C SER B 116 -13.37 41.43 26.94
N VAL B 117 -12.42 41.26 26.04
CA VAL B 117 -11.19 42.05 26.09
C VAL B 117 -11.46 43.45 25.56
N THR B 118 -11.07 44.45 26.35
CA THR B 118 -11.28 45.85 25.96
C THR B 118 -10.00 46.43 25.37
N ASP C 1 -6.23 31.39 -0.12
CA ASP C 1 -7.13 31.05 0.97
C ASP C 1 -8.57 30.97 0.48
N ILE C 2 -9.34 30.05 1.06
CA ILE C 2 -10.73 29.87 0.66
C ILE C 2 -11.57 31.01 1.24
N VAL C 3 -12.37 31.64 0.38
CA VAL C 3 -13.25 32.74 0.77
C VAL C 3 -14.69 32.27 0.64
N LEU C 4 -15.47 32.44 1.70
CA LEU C 4 -16.86 31.99 1.75
C LEU C 4 -17.78 33.21 1.72
N THR C 5 -18.79 33.15 0.84
CA THR C 5 -19.79 34.19 0.71
C THR C 5 -21.14 33.66 1.13
N GLN C 6 -21.82 34.37 2.02
CA GLN C 6 -23.12 33.96 2.53
C GLN C 6 -24.22 34.75 1.84
N SER C 7 -25.24 34.04 1.35
CA SER C 7 -26.37 34.65 0.68
C SER C 7 -27.64 33.96 1.14
N PRO C 8 -28.67 34.71 1.55
CA PRO C 8 -28.74 36.17 1.64
C PRO C 8 -28.04 36.70 2.89
N ALA C 9 -27.62 37.97 2.88
CA ALA C 9 -26.98 38.55 4.05
C ALA C 9 -27.95 38.70 5.22
N SER C 10 -29.24 38.84 4.95
CA SER C 10 -30.25 38.96 5.99
C SER C 10 -31.53 38.31 5.51
N LEU C 11 -32.10 37.45 6.34
CA LEU C 11 -33.31 36.71 5.99
C LEU C 11 -34.44 37.07 6.93
N ALA C 12 -35.66 37.13 6.37
CA ALA C 12 -36.88 37.41 7.13
C ALA C 12 -37.86 36.29 6.82
N VAL C 13 -37.92 35.30 7.71
CA VAL C 13 -38.76 34.12 7.54
C VAL C 13 -39.81 34.12 8.64
N SER C 14 -41.08 34.02 8.22
CA SER C 14 -42.18 33.98 9.18
C SER C 14 -42.22 32.62 9.88
N LEU C 15 -42.92 32.59 11.02
CA LEU C 15 -43.04 31.35 11.78
C LEU C 15 -43.74 30.27 10.96
N GLY C 16 -43.15 29.08 10.96
CA GLY C 16 -43.67 27.96 10.20
C GLY C 16 -43.14 27.86 8.79
N GLN C 17 -42.50 28.91 8.27
CA GLN C 17 -41.94 28.87 6.93
C GLN C 17 -40.56 28.23 6.93
N ARG C 18 -40.10 27.88 5.73
CA ARG C 18 -38.79 27.24 5.56
C ARG C 18 -37.75 28.30 5.23
N ALA C 19 -36.65 28.30 5.99
CA ALA C 19 -35.56 29.23 5.73
C ALA C 19 -34.50 28.59 4.84
N THR C 20 -33.80 29.43 4.08
CA THR C 20 -32.76 28.97 3.17
C THR C 20 -31.53 29.83 3.35
N ILE C 21 -30.40 29.18 3.67
CA ILE C 21 -29.11 29.84 3.83
C ILE C 21 -28.11 29.16 2.90
N SER C 22 -27.39 29.95 2.12
CA SER C 22 -26.46 29.43 1.13
C SER C 22 -25.04 29.91 1.45
N CYS C 23 -24.09 28.99 1.34
CA CYS C 23 -22.67 29.28 1.53
C CYS C 23 -21.90 28.79 0.31
N ARG C 24 -21.14 29.70 -0.30
CA ARG C 24 -20.35 29.41 -1.49
C ARG C 24 -18.88 29.66 -1.17
N ALA C 25 -18.04 28.67 -1.42
CA ALA C 25 -16.62 28.76 -1.16
C ALA C 25 -15.84 29.09 -2.43
N SER C 26 -14.66 29.67 -2.26
CA SER C 26 -13.82 30.00 -3.40
C SER C 26 -13.32 28.74 -4.10
N GLU C 27 -12.91 27.74 -3.32
CA GLU C 27 -12.40 26.48 -3.85
C GLU C 27 -13.24 25.32 -3.29
N SER C 28 -12.81 24.11 -3.61
CA SER C 28 -13.47 22.91 -3.12
C SER C 28 -12.95 22.55 -1.73
N VAL C 29 -13.86 21.99 -0.91
CA VAL C 29 -13.51 21.63 0.45
C VAL C 29 -13.43 20.12 0.67
N ASP C 30 -13.89 19.30 -0.28
CA ASP C 30 -13.82 17.86 -0.13
C ASP C 30 -12.38 17.39 -0.30
N ASN C 31 -11.90 16.60 0.67
CA ASN C 31 -10.54 16.10 0.66
C ASN C 31 -10.47 14.58 0.57
N TYR C 32 -11.18 13.88 1.44
CA TYR C 32 -11.19 12.42 1.49
C TYR C 32 -12.61 11.89 1.60
N GLY C 33 -13.50 12.42 0.77
CA GLY C 33 -14.89 12.03 0.78
C GLY C 33 -15.74 12.72 1.83
N ILE C 34 -15.17 13.66 2.58
CA ILE C 34 -15.89 14.38 3.63
C ILE C 34 -15.89 15.85 3.28
N SER C 35 -17.06 16.48 3.34
CA SER C 35 -17.18 17.91 3.09
C SER C 35 -16.76 18.66 4.34
N PHE C 36 -15.60 19.34 4.27
CA PHE C 36 -15.03 20.03 5.42
C PHE C 36 -15.69 21.40 5.61
N LEU C 37 -16.99 21.37 5.87
CA LEU C 37 -17.77 22.56 6.14
C LEU C 37 -18.72 22.29 7.30
N ASN C 38 -18.90 23.28 8.17
CA ASN C 38 -19.76 23.16 9.34
C ASN C 38 -20.64 24.39 9.45
N TRP C 39 -21.80 24.21 10.07
CA TRP C 39 -22.79 25.27 10.24
C TRP C 39 -22.93 25.58 11.72
N PHE C 40 -22.92 26.87 12.06
CA PHE C 40 -23.00 27.33 13.44
C PHE C 40 -24.30 28.10 13.66
N GLN C 41 -24.51 28.53 14.91
CA GLN C 41 -25.65 29.36 15.27
C GLN C 41 -25.27 30.18 16.48
N GLN C 42 -25.39 31.50 16.37
CA GLN C 42 -24.97 32.41 17.44
C GLN C 42 -26.12 33.34 17.77
N LYS C 43 -26.72 33.15 18.94
CA LYS C 43 -27.70 34.10 19.45
C LYS C 43 -26.98 35.29 20.08
N PRO C 44 -27.62 36.46 20.12
CA PRO C 44 -26.97 37.62 20.74
C PRO C 44 -26.65 37.35 22.21
N GLY C 45 -25.42 37.68 22.59
CA GLY C 45 -24.98 37.45 23.96
C GLY C 45 -24.72 36.00 24.31
N GLN C 46 -24.64 35.11 23.32
CA GLN C 46 -24.44 33.69 23.57
C GLN C 46 -23.30 33.17 22.70
N PRO C 47 -22.59 32.14 23.17
CA PRO C 47 -21.52 31.57 22.35
C PRO C 47 -22.09 30.85 21.14
N PRO C 48 -21.33 30.75 20.06
CA PRO C 48 -21.81 30.00 18.89
C PRO C 48 -22.03 28.54 19.21
N LYS C 49 -23.04 27.95 18.57
CA LYS C 49 -23.40 26.55 18.79
C LYS C 49 -23.35 25.81 17.46
N LEU C 50 -22.66 24.67 17.44
CA LEU C 50 -22.60 23.85 16.24
C LEU C 50 -23.95 23.24 15.93
N LEU C 51 -24.32 23.26 14.65
CA LEU C 51 -25.57 22.66 14.19
C LEU C 51 -25.33 21.46 13.28
N ILE C 52 -24.57 21.64 12.20
CA ILE C 52 -24.32 20.57 11.23
C ILE C 52 -22.82 20.45 11.04
N TYR C 53 -22.31 19.22 11.12
CA TYR C 53 -20.91 18.93 10.85
C TYR C 53 -20.80 18.01 9.64
N ALA C 54 -19.71 18.17 8.90
CA ALA C 54 -19.47 17.48 7.64
C ALA C 54 -20.52 17.82 6.59
N ALA C 55 -21.23 18.94 6.77
CA ALA C 55 -22.23 19.50 5.87
C ALA C 55 -23.47 18.63 5.73
N SER C 56 -23.53 17.48 6.39
CA SER C 56 -24.70 16.62 6.29
C SER C 56 -25.15 15.99 7.61
N ASN C 57 -24.35 16.05 8.67
CA ASN C 57 -24.66 15.39 9.93
C ASN C 57 -24.89 16.43 11.02
N GLN C 58 -26.00 16.28 11.74
CA GLN C 58 -26.37 17.21 12.80
C GLN C 58 -25.65 16.87 14.10
N GLY C 59 -25.65 17.83 15.02
CA GLY C 59 -25.00 17.67 16.30
C GLY C 59 -25.88 16.93 17.31
N SER C 60 -25.34 16.81 18.52
CA SER C 60 -26.05 16.09 19.58
C SER C 60 -27.25 16.86 20.10
N GLY C 61 -27.08 18.16 20.33
CA GLY C 61 -28.17 18.98 20.84
C GLY C 61 -28.83 19.82 19.77
N VAL C 62 -29.03 19.23 18.59
CA VAL C 62 -29.62 19.91 17.45
C VAL C 62 -30.91 19.19 17.08
N PRO C 63 -32.03 19.89 16.98
CA PRO C 63 -33.28 19.22 16.59
C PRO C 63 -33.23 18.76 15.14
N ALA C 64 -34.12 17.81 14.82
CA ALA C 64 -34.17 17.25 13.49
C ALA C 64 -34.64 18.25 12.44
N ARG C 65 -35.23 19.38 12.86
CA ARG C 65 -35.68 20.37 11.91
C ARG C 65 -34.51 21.00 11.15
N PHE C 66 -33.35 21.10 11.77
CA PHE C 66 -32.16 21.64 11.10
C PHE C 66 -31.59 20.58 10.16
N SER C 67 -31.45 20.93 8.89
CA SER C 67 -30.92 20.02 7.88
C SER C 67 -29.90 20.75 7.02
N GLY C 68 -28.72 20.16 6.89
CA GLY C 68 -27.66 20.71 6.06
C GLY C 68 -27.43 19.85 4.83
N SER C 69 -27.04 20.49 3.74
CA SER C 69 -26.79 19.79 2.49
C SER C 69 -25.80 20.58 1.66
N GLY C 70 -25.20 19.90 0.69
CA GLY C 70 -24.24 20.57 -0.19
C GLY C 70 -22.90 19.85 -0.18
N SER C 71 -22.41 19.55 -1.37
CA SER C 71 -21.12 18.88 -1.54
C SER C 71 -20.31 19.62 -2.61
N GLY C 72 -19.00 19.69 -2.39
CA GLY C 72 -18.12 20.34 -3.34
C GLY C 72 -17.89 21.81 -3.07
N THR C 73 -18.60 22.67 -3.81
CA THR C 73 -18.44 24.11 -3.68
C THR C 73 -19.66 24.84 -3.16
N TYR C 74 -20.86 24.31 -3.38
CA TYR C 74 -22.11 24.95 -2.96
C TYR C 74 -22.72 24.15 -1.82
N PHE C 75 -23.07 24.84 -0.74
CA PHE C 75 -23.68 24.23 0.42
C PHE C 75 -24.88 25.06 0.85
N SER C 76 -25.91 24.37 1.37
CA SER C 76 -27.14 25.03 1.77
C SER C 76 -27.64 24.44 3.08
N LEU C 77 -28.11 25.31 3.97
CA LEU C 77 -28.72 24.91 5.23
C LEU C 77 -30.16 25.38 5.25
N ASN C 78 -31.07 24.44 5.52
CA ASN C 78 -32.51 24.71 5.52
C ASN C 78 -33.10 24.40 6.88
N ILE C 79 -33.92 25.31 7.38
CA ILE C 79 -34.60 25.15 8.67
C ILE C 79 -36.10 25.00 8.40
N HIS C 80 -36.66 23.87 8.81
CA HIS C 80 -38.08 23.61 8.60
C HIS C 80 -38.58 22.57 9.58
N PRO C 81 -39.60 22.89 10.39
CA PRO C 81 -40.30 24.17 10.47
C PRO C 81 -39.56 25.17 11.36
N MET C 82 -39.36 26.40 10.89
CA MET C 82 -38.66 27.40 11.67
C MET C 82 -39.53 27.88 12.82
N GLU C 83 -38.91 28.04 14.00
CA GLU C 83 -39.59 28.52 15.19
C GLU C 83 -39.06 29.90 15.57
N GLU C 84 -39.55 30.42 16.70
CA GLU C 84 -39.17 31.77 17.12
C GLU C 84 -37.73 31.80 17.65
N ASP C 85 -37.28 30.72 18.29
CA ASP C 85 -35.96 30.69 18.90
C ASP C 85 -34.84 30.47 17.88
N ASP C 86 -35.12 30.64 16.59
CA ASP C 86 -34.11 30.53 15.55
C ASP C 86 -33.59 31.89 15.11
N THR C 87 -33.95 32.96 15.83
CA THR C 87 -33.50 34.31 15.49
C THR C 87 -32.04 34.47 15.92
N ALA C 88 -31.15 33.95 15.09
CA ALA C 88 -29.72 33.99 15.36
C ALA C 88 -28.97 34.19 14.05
N VAL C 89 -27.72 34.63 14.17
CA VAL C 89 -26.86 34.86 13.01
C VAL C 89 -26.13 33.56 12.71
N TYR C 90 -26.55 32.87 11.67
CA TYR C 90 -25.94 31.62 11.28
C TYR C 90 -24.61 31.85 10.56
N PHE C 91 -23.72 30.86 10.65
CA PHE C 91 -22.40 30.97 10.04
C PHE C 91 -22.05 29.66 9.37
N CYS C 92 -21.19 29.75 8.35
CA CYS C 92 -20.61 28.59 7.68
C CYS C 92 -19.10 28.71 7.72
N GLN C 93 -18.43 27.63 8.15
CA GLN C 93 -16.99 27.63 8.33
C GLN C 93 -16.38 26.43 7.64
N GLN C 94 -15.22 26.63 7.02
CA GLN C 94 -14.49 25.57 6.36
C GLN C 94 -13.28 25.16 7.19
N THR C 95 -12.92 23.88 7.10
CA THR C 95 -11.80 23.34 7.87
C THR C 95 -10.75 22.75 6.93
N LYS C 96 -10.35 23.53 5.92
CA LYS C 96 -9.42 23.06 4.91
C LYS C 96 -8.00 23.02 5.49
N GLY C 97 -7.01 22.80 4.63
CA GLY C 97 -5.64 22.52 5.02
C GLY C 97 -5.02 23.36 6.11
N VAL C 98 -4.85 24.65 5.87
CA VAL C 98 -4.09 25.50 6.79
C VAL C 98 -4.99 26.53 7.45
N SER C 99 -5.58 27.42 6.65
CA SER C 99 -6.32 28.56 7.17
C SER C 99 -7.83 28.27 7.12
N TRP C 100 -8.50 28.47 8.24
CA TRP C 100 -9.94 28.30 8.34
C TRP C 100 -10.60 29.66 8.47
N THR C 101 -11.73 29.84 7.77
CA THR C 101 -12.45 31.10 7.77
C THR C 101 -13.93 30.84 7.91
N PHE C 102 -14.64 31.84 8.43
CA PHE C 102 -16.08 31.80 8.59
C PHE C 102 -16.76 32.44 7.38
N GLY C 103 -18.09 32.40 7.38
CA GLY C 103 -18.85 33.01 6.30
C GLY C 103 -19.04 34.49 6.47
N GLY C 104 -20.24 34.98 6.21
CA GLY C 104 -20.54 36.40 6.36
C GLY C 104 -21.56 36.68 7.44
N GLY C 105 -22.42 35.70 7.71
CA GLY C 105 -23.44 35.85 8.73
C GLY C 105 -24.80 36.19 8.16
N THR C 106 -25.76 35.27 8.33
CA THR C 106 -27.13 35.47 7.84
C THR C 106 -28.00 35.79 9.05
N LYS C 107 -28.50 37.03 9.10
CA LYS C 107 -29.35 37.47 10.18
C LYS C 107 -30.81 37.07 9.91
N VAL C 108 -31.22 35.93 10.44
CA VAL C 108 -32.60 35.46 10.26
C VAL C 108 -33.47 36.09 11.34
N GLU C 109 -34.53 36.77 10.91
CA GLU C 109 -35.38 37.54 11.82
C GLU C 109 -36.80 36.96 11.81
N ILE C 110 -37.60 37.48 12.73
CA ILE C 110 -39.02 37.11 12.91
C ILE C 110 -39.17 35.66 13.35
C1 NAG D . -12.14 3.93 17.22
C2 NAG D . -13.18 5.05 17.17
C3 NAG D . -14.58 4.46 17.31
C4 NAG D . -14.82 3.35 16.29
C5 NAG D . -13.68 2.33 16.34
C6 NAG D . -13.76 1.29 15.24
C7 NAG D . -13.04 7.36 18.01
C8 NAG D . -13.44 7.79 16.63
N2 NAG D . -12.94 6.04 18.20
O3 NAG D . -15.56 5.48 17.13
O4 NAG D . -16.03 2.68 16.59
O5 NAG D . -12.41 2.98 16.19
O6 NAG D . -12.47 0.82 14.87
O7 NAG D . -12.83 8.17 18.91
C1 NAG D . -16.99 2.82 15.51
C2 NAG D . -18.33 2.33 16.02
C3 NAG D . -19.40 2.48 14.94
C4 NAG D . -19.43 3.92 14.42
C5 NAG D . -18.03 4.34 13.98
C6 NAG D . -17.97 5.80 13.57
C7 NAG D . -18.79 0.52 17.63
C8 NAG D . -18.61 -0.93 17.94
N2 NAG D . -18.26 0.95 16.47
O3 NAG D . -20.67 2.12 15.47
O4 NAG D . -20.33 4.01 13.32
O5 NAG D . -17.11 4.18 15.06
O6 NAG D . -19.24 6.28 13.16
O7 NAG D . -19.38 1.28 18.39
CL CL E . 12.06 -16.13 0.91
NA NA F . 12.25 -14.45 -3.61
NA NA G . 14.39 -6.60 -7.08
N B40 H . 9.33 -13.05 -7.60
CA B40 H . 8.41 -13.66 -8.54
C B40 H . 8.00 -15.04 -8.04
CB B40 H . 7.16 -12.78 -8.66
CG B40 H . 7.18 -12.05 -10.00
CD1 B40 H . 7.20 -12.77 -11.18
CD2 B40 H . 7.15 -10.66 -10.03
CE1 B40 H . 7.22 -12.10 -12.40
CE2 B40 H . 7.17 -9.99 -11.24
CZ B40 H . 7.19 -10.71 -12.43
CM B40 H . 10.50 -13.89 -7.43
CAA Y01 I . 22.21 -21.09 9.61
CBA Y01 I . 22.29 -20.68 8.14
CAB Y01 I . 21.52 -19.39 7.86
CAN Y01 I . 21.81 -21.82 7.21
CAJ Y01 I . 22.95 -22.41 6.36
CAO Y01 I . 23.17 -21.63 5.04
CBB Y01 I . 23.97 -22.42 3.99
CAC Y01 I . 25.11 -23.12 4.68
CBE Y01 I . 23.05 -23.46 3.28
CAP Y01 I . 21.83 -22.90 2.96
CAQ Y01 I . 21.44 -23.44 1.46
CBG Y01 I . 22.54 -24.52 1.27
CBI Y01 I . 23.66 -23.93 1.86
CAE Y01 I . 24.02 -22.64 1.10
CAU Y01 I . 25.00 -24.98 1.69
CAS Y01 I . 25.22 -25.34 0.28
CBF Y01 I . 23.99 -25.80 -0.44
CBD Y01 I . 22.77 -24.76 -0.26
CAK Y01 I . 21.48 -25.21 -1.01
CAI Y01 I . 21.77 -25.70 -2.54
CAZ Y01 I . 22.94 -26.71 -2.63
CAV Y01 I . 23.19 -27.17 -4.08
CBH Y01 I . 24.27 -26.16 -1.93
CAD Y01 I . 24.67 -24.87 -2.64
CAT Y01 I . 25.44 -27.12 -2.05
CAR Y01 I . 25.68 -27.60 -3.54
CBC Y01 I . 24.37 -28.19 -4.18
OAW Y01 I . 24.61 -28.48 -5.50
CAY Y01 I . 25.35 -29.66 -5.71
OAG Y01 I . 26.52 -29.60 -5.87
CAM Y01 I . 24.65 -31.02 -5.75
CAL Y01 I . 24.57 -31.58 -7.17
CAX Y01 I . 25.47 -32.80 -7.38
OAH Y01 I . 26.71 -32.65 -7.54
OAF Y01 I . 24.98 -33.96 -7.38
CAA Y01 J . 25.17 -7.61 2.93
CBA Y01 J . 24.77 -8.68 1.91
CAB Y01 J . 23.25 -8.88 1.89
CAN Y01 J . 25.29 -8.32 0.50
CAJ Y01 J . 24.88 -9.35 -0.58
CAO Y01 J . 25.99 -10.40 -0.87
CBB Y01 J . 26.70 -10.19 -2.22
CAC Y01 J . 27.47 -11.45 -2.55
CBE Y01 J . 25.67 -9.82 -3.32
CAP Y01 J . 24.91 -10.91 -3.72
CAQ Y01 J . 24.90 -10.87 -5.36
CBG Y01 J . 26.31 -10.27 -5.58
CBI Y01 J . 26.31 -9.20 -4.67
CAE Y01 J . 25.28 -8.14 -5.07
CAU Y01 J . 27.88 -8.47 -4.74
CAS Y01 J . 28.58 -8.78 -6.00
CBF Y01 J . 27.71 -8.80 -7.22
CBD Y01 J . 26.48 -9.84 -7.09
CAK Y01 J . 26.53 -11.14 -7.96
CAI Y01 J . 27.30 -10.97 -9.38
CAZ Y01 J . 28.69 -10.30 -9.19
CAV Y01 J . 29.47 -10.31 -10.51
CBH Y01 J . 28.52 -8.84 -8.57
CAD Y01 J . 27.71 -8.01 -9.56
CAT Y01 J . 29.88 -8.16 -8.43
CAR Y01 J . 30.68 -8.11 -9.79
CBC Y01 J . 30.83 -9.54 -10.45
OAW Y01 J . 31.29 -9.37 -11.73
CAY Y01 J . 32.49 -10.05 -12.02
OAG Y01 J . 33.51 -9.45 -12.10
CAM Y01 J . 32.47 -11.57 -12.23
CAL Y01 J . 31.32 -12.02 -13.15
CAX Y01 J . 31.77 -13.07 -14.18
OAH Y01 J . 31.03 -14.05 -14.43
OAF Y01 J . 32.87 -12.93 -14.78
C1B LMT K . -2.12 -19.35 1.82
C2B LMT K . -0.76 -18.65 1.82
C3B LMT K . 0.36 -19.71 1.88
C4B LMT K . 0.14 -20.67 3.08
C5B LMT K . -1.30 -21.21 2.99
C6B LMT K . -1.58 -22.14 4.15
O1B LMT K . -2.23 -20.10 0.65
O2B LMT K . -0.67 -17.92 0.67
O3B LMT K . 1.60 -19.12 1.90
O4' LMT K . 1.02 -21.71 3.03
O5B LMT K . -2.26 -20.18 2.92
O6B LMT K . -2.69 -22.90 3.90
C1' LMT K . -4.47 -20.57 -2.75
C2' LMT K . -3.72 -19.23 -2.67
C3' LMT K . -2.68 -19.26 -1.52
C4' LMT K . -3.29 -19.80 -0.22
C5' LMT K . -3.96 -21.13 -0.61
C6' LMT K . -4.45 -21.94 0.56
O1' LMT K . -5.53 -20.48 -3.62
O2' LMT K . -3.07 -19.03 -3.85
O3' LMT K . -2.18 -18.00 -1.31
O5' LMT K . -5.01 -20.88 -1.49
O6' LMT K . -5.45 -22.73 0.07
C1 LMT K . -6.61 -21.31 -3.32
C2 LMT K . -7.13 -21.78 -4.64
C3 LMT K . -7.47 -20.71 -5.63
C4 LMT K . -8.67 -21.20 -6.40
C5 LMT K . -8.34 -22.43 -7.16
C6 LMT K . -7.55 -22.14 -8.39
C7 LMT K . -7.51 -23.36 -9.27
C8 LMT K . -6.99 -22.97 -10.61
C9 LMT K . -6.91 -24.11 -11.58
C10 LMT K . -6.16 -25.22 -10.92
C11 LMT K . -5.87 -26.34 -11.88
C12 LMT K . -5.27 -27.51 -11.19
#